data_6MB0
#
_entry.id   6MB0
#
_cell.length_a   57.440
_cell.length_b   121.190
_cell.length_c   178.250
_cell.angle_alpha   90.000
_cell.angle_beta   90.000
_cell.angle_gamma   90.000
#
_symmetry.space_group_name_H-M   'P 21 21 21'
#
loop_
_entity.id
_entity.type
_entity.pdbx_description
1 polymer 'Glycylpeptide N-tetradecanoyltransferase'
2 non-polymer 'TETRADEC-13-YNOIC ACID - COA THIOESTER'
3 non-polymer 1-(5-{4-fluoro-2-[2-(1,3,5-trimethyl-1H-pyrazol-4-yl)ethoxy]phenyl}-1-methyl-1H-indazol-3-yl)-N,N-dimethylmethanamine
4 non-polymer 'SULFATE ION'
5 non-polymer 'CHLORIDE ION'
6 non-polymer 1,2-ETHANEDIOL
7 water water
#
_entity_poly.entity_id   1
_entity_poly.type   'polypeptide(L)'
_entity_poly.pdbx_seq_one_letter_code
;MGSSHHHHHHSAALEVLFQGPDYKFWYTQPVPKINDEFNESVNEPFISDNKVEDVRKDEYKLPPGYSWYVCDVKDEKDRS
EIYTLLTDNYVEDDDNIFRFNYSAEFLLWALTSPNYLKTWHIGVKYDASNKLIGFISAIPTDICIHKRTIKMAEVNFLCV
HKTLRSKRLAPVLIKEITRRINLENIWQAIYTAGVYLPKPVSDARYYHRSINVKKLIEIGFSSLNSRLTMSRAIKLYRVE
DTLNIKNMRLMKKKDVEGVHKLLGSYLEQFNLYAVFTKEEIAHWFLPIENVIYTYVNEENGKIKDMISFYSLPSQILGND
KYSTLNAAYSFYNVTTTATFKQLMQDAILLAKRNNFDVFNALEVMQNKSVFEDLKFGEGDESLKYYLYNWKCASFAPAHV
GIVLL
;
_entity_poly.pdbx_strand_id   A,B,C
#
loop_
_chem_comp.id
_chem_comp.type
_chem_comp.name
_chem_comp.formula
CL non-polymer 'CHLORIDE ION' 'Cl -1'
EDO non-polymer 1,2-ETHANEDIOL 'C2 H6 O2'
JCY non-polymer 1-(5-{4-fluoro-2-[2-(1,3,5-trimethyl-1H-pyrazol-4-yl)ethoxy]phenyl}-1-methyl-1H-indazol-3-yl)-N,N-dimethylmethanamine 'C25 H30 F N5 O'
SO4 non-polymer 'SULFATE ION' 'O4 S -2'
YNC non-polymer 'TETRADEC-13-YNOIC ACID - COA THIOESTER' 'C35 H58 N7 O17 P3 S'
#
# COMPACT_ATOMS: atom_id res chain seq x y z
N PRO A 21 23.43 -20.99 -26.73
CA PRO A 21 22.70 -22.25 -26.96
C PRO A 21 21.69 -22.15 -28.10
N ASP A 22 21.31 -23.30 -28.66
CA ASP A 22 20.40 -23.32 -29.80
C ASP A 22 18.94 -23.40 -29.37
N TYR A 23 18.63 -24.01 -28.23
CA TYR A 23 17.25 -24.16 -27.75
C TYR A 23 16.37 -24.82 -28.80
N LYS A 24 16.88 -25.91 -29.38
CA LYS A 24 16.20 -26.57 -30.48
C LYS A 24 14.81 -27.06 -30.07
N PHE A 25 14.65 -27.54 -28.83
CA PHE A 25 13.32 -27.88 -28.35
C PHE A 25 12.54 -26.66 -27.91
N TRP A 26 13.15 -25.82 -27.06
CA TRP A 26 12.35 -24.77 -26.44
C TRP A 26 11.87 -23.74 -27.45
N TYR A 27 12.61 -23.52 -28.53
CA TYR A 27 12.13 -22.53 -29.50
C TYR A 27 10.96 -23.03 -30.35
N THR A 28 10.57 -24.31 -30.25
CA THR A 28 9.32 -24.78 -30.83
C THR A 28 8.11 -24.50 -29.94
N GLN A 29 8.32 -24.00 -28.74
CA GLN A 29 7.30 -23.85 -27.74
C GLN A 29 6.86 -22.40 -27.63
N PRO A 30 5.64 -22.15 -27.12
CA PRO A 30 5.13 -20.77 -26.95
C PRO A 30 5.73 -20.12 -25.71
N VAL A 31 7.02 -19.78 -25.83
CA VAL A 31 7.77 -19.06 -24.80
C VAL A 31 8.55 -17.96 -25.50
N PRO A 32 9.05 -16.98 -24.76
CA PRO A 32 9.82 -15.91 -25.41
C PRO A 32 11.15 -16.43 -25.92
N LYS A 33 11.61 -15.84 -27.01
CA LYS A 33 12.98 -16.07 -27.41
C LYS A 33 13.91 -15.38 -26.41
N ILE A 34 15.16 -15.81 -26.41
CA ILE A 34 16.09 -15.39 -25.37
C ILE A 34 16.32 -13.89 -25.36
N ASN A 35 16.07 -13.19 -26.48
CA ASN A 35 16.26 -11.75 -26.57
C ASN A 35 14.95 -10.96 -26.45
N ASP A 36 13.82 -11.63 -26.27
CA ASP A 36 12.53 -10.96 -26.22
C ASP A 36 12.37 -10.17 -24.94
N GLU A 37 11.89 -8.94 -25.05
CA GLU A 37 11.48 -8.18 -23.90
C GLU A 37 10.19 -7.44 -24.24
N PHE A 38 9.28 -7.38 -23.28
CA PHE A 38 7.96 -6.81 -23.50
C PHE A 38 7.71 -5.67 -22.54
N ASN A 39 6.96 -4.66 -22.98
CA ASN A 39 6.72 -3.61 -22.01
CA ASN A 39 6.56 -3.54 -22.13
C ASN A 39 5.59 -4.00 -21.05
N GLU A 40 5.41 -3.16 -20.04
CA GLU A 40 4.46 -3.45 -18.98
C GLU A 40 3.03 -3.54 -19.47
N SER A 41 2.71 -2.94 -20.62
CA SER A 41 1.36 -3.01 -21.16
C SER A 41 1.04 -4.36 -21.79
N VAL A 42 2.02 -5.26 -21.90
CA VAL A 42 1.82 -6.56 -22.52
C VAL A 42 1.69 -7.60 -21.42
N ASN A 43 0.59 -8.35 -21.45
CA ASN A 43 0.29 -9.33 -20.42
C ASN A 43 -0.77 -10.27 -20.97
N GLU A 44 -0.36 -11.27 -21.75
CA GLU A 44 -1.31 -12.06 -22.55
C GLU A 44 -0.61 -13.34 -22.99
N PRO A 45 -1.38 -14.32 -23.47
CA PRO A 45 -0.77 -15.53 -24.01
C PRO A 45 0.01 -15.26 -25.30
N PHE A 46 0.93 -16.18 -25.61
CA PHE A 46 1.47 -16.22 -26.96
C PHE A 46 0.45 -16.78 -27.95
N ILE A 47 -0.27 -17.82 -27.53
CA ILE A 47 -1.28 -18.48 -28.35
C ILE A 47 -2.59 -18.47 -27.58
N SER A 48 -3.59 -17.77 -28.12
CA SER A 48 -4.92 -17.66 -27.54
CA SER A 48 -4.91 -17.72 -27.50
C SER A 48 -5.90 -18.52 -28.33
N ASP A 49 -7.14 -18.58 -27.85
CA ASP A 49 -8.23 -19.28 -28.56
C ASP A 49 -7.88 -20.75 -28.80
N ASN A 50 -7.28 -21.38 -27.80
CA ASN A 50 -7.01 -22.80 -27.86
C ASN A 50 -8.29 -23.60 -27.67
N LYS A 51 -8.30 -24.81 -28.21
CA LYS A 51 -9.49 -25.66 -28.20
C LYS A 51 -9.13 -27.03 -27.63
N VAL A 52 -9.79 -27.41 -26.53
CA VAL A 52 -9.63 -28.75 -25.97
C VAL A 52 -9.88 -29.82 -27.02
N GLU A 53 -10.89 -29.63 -27.86
CA GLU A 53 -11.26 -30.66 -28.84
C GLU A 53 -10.12 -30.97 -29.80
N ASP A 54 -9.18 -30.04 -30.00
CA ASP A 54 -8.09 -30.23 -30.93
C ASP A 54 -6.86 -30.88 -30.30
N VAL A 55 -6.83 -31.01 -28.97
CA VAL A 55 -5.64 -31.53 -28.29
C VAL A 55 -5.43 -32.98 -28.67
N ARG A 56 -4.15 -33.35 -28.89
CA ARG A 56 -3.79 -34.73 -29.20
C ARG A 56 -4.33 -35.67 -28.12
N LYS A 57 -4.96 -36.75 -28.55
CA LYS A 57 -5.48 -37.75 -27.61
C LYS A 57 -4.51 -38.91 -27.42
N ASP A 58 -3.48 -39.01 -28.26
CA ASP A 58 -2.50 -40.07 -28.16
C ASP A 58 -1.33 -39.65 -27.28
N GLU A 59 -0.86 -40.58 -26.44
CA GLU A 59 0.34 -40.32 -25.66
C GLU A 59 1.55 -40.17 -26.57
N TYR A 60 2.46 -39.28 -26.17
CA TYR A 60 3.70 -39.11 -26.91
C TYR A 60 4.50 -40.41 -26.93
N LYS A 61 5.20 -40.65 -28.04
CA LYS A 61 5.95 -41.87 -28.19
C LYS A 61 7.22 -41.82 -27.36
N LEU A 62 7.49 -42.89 -26.65
CA LEU A 62 8.71 -43.11 -25.90
C LEU A 62 9.64 -44.02 -26.69
N PRO A 63 10.93 -44.00 -26.40
CA PRO A 63 11.85 -44.91 -27.09
C PRO A 63 11.49 -46.35 -26.79
N PRO A 64 11.88 -47.29 -27.65
CA PRO A 64 11.52 -48.70 -27.44
C PRO A 64 12.01 -49.20 -26.09
N GLY A 65 11.17 -49.99 -25.42
CA GLY A 65 11.51 -50.52 -24.12
C GLY A 65 11.07 -49.67 -22.93
N TYR A 66 10.39 -48.56 -23.17
CA TYR A 66 9.93 -47.64 -22.12
C TYR A 66 8.43 -47.40 -22.25
N SER A 67 7.76 -47.23 -21.12
CA SER A 67 6.31 -47.04 -21.11
CA SER A 67 6.31 -47.03 -21.13
C SER A 67 5.91 -45.96 -20.12
N TRP A 68 4.81 -45.27 -20.44
CA TRP A 68 4.20 -44.35 -19.49
C TRP A 68 3.59 -45.13 -18.33
N TYR A 69 3.58 -44.50 -17.17
CA TYR A 69 3.02 -45.09 -15.95
C TYR A 69 2.32 -43.97 -15.20
N VAL A 70 1.09 -44.19 -14.76
CA VAL A 70 0.40 -43.20 -13.94
C VAL A 70 0.70 -43.54 -12.47
N CYS A 71 1.48 -42.69 -11.83
CA CYS A 71 1.85 -42.90 -10.43
C CYS A 71 0.69 -42.56 -9.51
N ASP A 72 0.45 -43.41 -8.52
CA ASP A 72 -0.51 -43.12 -7.46
C ASP A 72 0.28 -42.70 -6.22
N VAL A 73 0.45 -41.39 -6.03
CA VAL A 73 1.28 -40.92 -4.92
CA VAL A 73 1.28 -40.90 -4.93
C VAL A 73 0.64 -41.18 -3.57
N LYS A 74 -0.66 -41.49 -3.53
CA LYS A 74 -1.29 -41.86 -2.28
C LYS A 74 -1.06 -43.33 -1.92
N ASP A 75 -0.46 -44.10 -2.82
CA ASP A 75 -0.09 -45.47 -2.55
C ASP A 75 1.36 -45.47 -2.06
N GLU A 76 1.60 -46.08 -0.89
CA GLU A 76 2.94 -45.98 -0.31
C GLU A 76 3.99 -46.53 -1.26
N LYS A 77 3.69 -47.61 -1.97
CA LYS A 77 4.73 -48.25 -2.79
C LYS A 77 5.04 -47.44 -4.05
N ASP A 78 4.00 -46.94 -4.74
CA ASP A 78 4.25 -46.04 -5.87
C ASP A 78 5.01 -44.80 -5.41
N ARG A 79 4.58 -44.23 -4.28
CA ARG A 79 5.24 -43.04 -3.75
C ARG A 79 6.70 -43.32 -3.44
N SER A 80 6.99 -44.51 -2.88
CA SER A 80 8.36 -44.85 -2.55
CA SER A 80 8.38 -44.85 -2.55
CA SER A 80 8.35 -44.89 -2.56
C SER A 80 9.21 -45.02 -3.80
N GLU A 81 8.60 -45.44 -4.92
CA GLU A 81 9.30 -45.50 -6.19
CA GLU A 81 9.36 -45.51 -6.17
C GLU A 81 9.75 -44.12 -6.66
N ILE A 82 8.85 -43.14 -6.53
CA ILE A 82 9.21 -41.77 -6.90
C ILE A 82 10.31 -41.28 -5.99
N TYR A 83 10.16 -41.54 -4.69
CA TYR A 83 11.15 -41.14 -3.69
C TYR A 83 12.53 -41.66 -4.05
N THR A 84 12.62 -42.96 -4.39
CA THR A 84 13.92 -43.54 -4.73
C THR A 84 14.49 -42.91 -6.00
N LEU A 85 13.66 -42.73 -7.02
CA LEU A 85 14.15 -42.08 -8.24
C LEU A 85 14.75 -40.71 -7.94
N LEU A 86 14.02 -39.89 -7.17
CA LEU A 86 14.50 -38.54 -6.88
C LEU A 86 15.71 -38.56 -5.95
N THR A 87 15.68 -39.42 -4.92
CA THR A 87 16.82 -39.49 -4.00
C THR A 87 18.11 -39.74 -4.75
N ASP A 88 18.06 -40.61 -5.76
CA ASP A 88 19.26 -41.01 -6.49
C ASP A 88 19.58 -40.12 -7.69
N ASN A 89 18.60 -39.37 -8.23
CA ASN A 89 18.76 -38.74 -9.54
C ASN A 89 18.27 -37.31 -9.65
N TYR A 90 17.85 -36.67 -8.57
CA TYR A 90 17.26 -35.34 -8.71
C TYR A 90 18.34 -34.26 -8.58
N VAL A 91 17.92 -33.03 -8.23
CA VAL A 91 18.75 -31.85 -8.36
C VAL A 91 19.98 -31.90 -7.46
N GLU A 92 21.14 -31.56 -8.02
CA GLU A 92 22.36 -31.30 -7.28
C GLU A 92 22.72 -29.83 -7.41
N ASP A 93 23.48 -29.34 -6.42
CA ASP A 93 24.09 -28.03 -6.59
C ASP A 93 25.10 -28.06 -7.73
N ASP A 94 25.60 -26.87 -8.06
CA ASP A 94 26.50 -26.71 -9.20
C ASP A 94 27.78 -27.52 -9.03
N ASP A 95 28.24 -27.73 -7.80
CA ASP A 95 29.49 -28.42 -7.53
C ASP A 95 29.31 -29.90 -7.20
N ASN A 96 28.08 -30.42 -7.27
CA ASN A 96 27.82 -31.85 -7.05
C ASN A 96 28.27 -32.29 -5.66
N ILE A 97 28.04 -31.42 -4.68
CA ILE A 97 28.26 -31.73 -3.28
C ILE A 97 26.97 -32.23 -2.62
N PHE A 98 25.83 -31.69 -3.06
CA PHE A 98 24.53 -31.95 -2.44
C PHE A 98 23.55 -32.44 -3.49
N ARG A 99 22.62 -33.31 -3.09
CA ARG A 99 21.48 -33.69 -3.92
CA ARG A 99 21.48 -33.70 -3.91
C ARG A 99 20.23 -33.62 -3.05
N PHE A 100 19.19 -32.96 -3.56
CA PHE A 100 17.97 -32.85 -2.79
C PHE A 100 17.45 -34.24 -2.42
N ASN A 101 16.92 -34.34 -1.20
CA ASN A 101 16.37 -35.59 -0.67
C ASN A 101 14.98 -35.32 -0.09
N TYR A 102 14.06 -34.93 -0.96
CA TYR A 102 12.67 -34.74 -0.57
C TYR A 102 12.15 -36.02 0.07
N SER A 103 11.47 -35.88 1.22
CA SER A 103 10.97 -37.09 1.86
C SER A 103 9.72 -37.59 1.15
N ALA A 104 9.41 -38.87 1.38
CA ALA A 104 8.19 -39.43 0.79
C ALA A 104 6.95 -38.68 1.27
N GLU A 105 6.90 -38.34 2.57
CA GLU A 105 5.76 -37.58 3.08
C GLU A 105 5.70 -36.19 2.45
N PHE A 106 6.86 -35.59 2.21
CA PHE A 106 6.90 -34.30 1.51
C PHE A 106 6.28 -34.42 0.12
N LEU A 107 6.67 -35.47 -0.61
CA LEU A 107 6.17 -35.64 -1.97
C LEU A 107 4.66 -35.82 -1.98
N LEU A 108 4.13 -36.59 -1.02
CA LEU A 108 2.68 -36.72 -0.87
C LEU A 108 2.02 -35.36 -0.73
N TRP A 109 2.56 -34.52 0.16
CA TRP A 109 2.03 -33.19 0.39
C TRP A 109 2.12 -32.31 -0.86
N ALA A 110 3.28 -32.32 -1.52
CA ALA A 110 3.52 -31.44 -2.65
C ALA A 110 2.63 -31.76 -3.82
N LEU A 111 2.18 -33.02 -3.94
CA LEU A 111 1.51 -33.45 -5.14
C LEU A 111 0.00 -33.64 -4.99
N THR A 112 -0.56 -33.54 -3.78
CA THR A 112 -1.97 -33.80 -3.56
C THR A 112 -2.69 -32.58 -3.01
N SER A 113 -2.26 -31.40 -3.43
CA SER A 113 -2.93 -30.15 -3.15
C SER A 113 -4.35 -30.16 -3.74
N PRO A 114 -5.21 -29.21 -3.36
CA PRO A 114 -6.60 -29.25 -3.81
C PRO A 114 -6.73 -29.34 -5.32
N ASN A 115 -7.62 -30.23 -5.75
CA ASN A 115 -7.98 -30.47 -7.15
C ASN A 115 -6.85 -31.10 -7.95
N TYR A 116 -5.84 -31.68 -7.29
CA TYR A 116 -4.79 -32.37 -8.00
C TYR A 116 -5.40 -33.46 -8.89
N LEU A 117 -4.69 -33.77 -9.97
CA LEU A 117 -5.03 -34.87 -10.86
C LEU A 117 -3.97 -35.94 -10.75
N LYS A 118 -4.40 -37.18 -10.47
CA LYS A 118 -3.49 -38.32 -10.50
C LYS A 118 -2.82 -38.45 -11.88
N THR A 119 -3.55 -38.15 -12.96
CA THR A 119 -2.97 -38.33 -14.28
C THR A 119 -1.96 -37.25 -14.64
N TRP A 120 -1.74 -36.26 -13.78
CA TRP A 120 -0.62 -35.32 -13.94
C TRP A 120 0.59 -35.72 -13.13
N HIS A 121 0.61 -36.93 -12.59
CA HIS A 121 1.78 -37.47 -11.88
C HIS A 121 2.31 -38.59 -12.76
N ILE A 122 3.22 -38.23 -13.66
CA ILE A 122 3.54 -39.04 -14.83
CA ILE A 122 3.54 -39.04 -14.83
C ILE A 122 4.90 -39.68 -14.63
N GLY A 123 4.95 -41.00 -14.64
CA GLY A 123 6.21 -41.70 -14.63
C GLY A 123 6.52 -42.38 -15.95
N VAL A 124 7.78 -42.73 -16.13
CA VAL A 124 8.24 -43.55 -17.25
C VAL A 124 8.95 -44.74 -16.66
N LYS A 125 8.57 -45.94 -17.07
CA LYS A 125 9.24 -47.15 -16.62
C LYS A 125 10.07 -47.77 -17.72
N TYR A 126 11.16 -48.40 -17.31
CA TYR A 126 11.92 -49.30 -18.16
C TYR A 126 11.24 -50.67 -18.10
N ASP A 127 10.76 -51.15 -19.25
CA ASP A 127 9.87 -52.32 -19.26
C ASP A 127 10.56 -53.55 -18.69
N ALA A 128 11.83 -53.75 -19.03
CA ALA A 128 12.46 -55.03 -18.71
C ALA A 128 12.64 -55.23 -17.21
N SER A 129 12.84 -54.14 -16.46
CA SER A 129 13.02 -54.19 -15.01
C SER A 129 11.78 -53.76 -14.24
N ASN A 130 10.82 -53.11 -14.92
CA ASN A 130 9.63 -52.54 -14.30
C ASN A 130 9.98 -51.43 -13.31
N LYS A 131 11.12 -50.78 -13.52
CA LYS A 131 11.61 -49.75 -12.63
C LYS A 131 11.33 -48.37 -13.20
N LEU A 132 10.98 -47.44 -12.30
CA LEU A 132 10.76 -46.05 -12.69
C LEU A 132 12.09 -45.38 -13.04
N ILE A 133 12.18 -44.79 -14.23
CA ILE A 133 13.40 -44.09 -14.63
C ILE A 133 13.15 -42.62 -14.97
N GLY A 134 11.91 -42.15 -14.92
CA GLY A 134 11.62 -40.78 -15.23
C GLY A 134 10.32 -40.36 -14.57
N PHE A 135 10.18 -39.06 -14.35
CA PHE A 135 9.02 -38.51 -13.66
C PHE A 135 8.86 -37.04 -14.04
N ILE A 136 7.60 -36.61 -14.11
CA ILE A 136 7.27 -35.19 -14.15
C ILE A 136 5.90 -35.03 -13.51
N SER A 137 5.64 -33.86 -12.92
CA SER A 137 4.37 -33.65 -12.23
C SER A 137 3.86 -32.23 -12.46
N ALA A 138 2.55 -32.08 -12.29
CA ALA A 138 1.95 -30.75 -12.26
C ALA A 138 0.80 -30.76 -11.28
N ILE A 139 0.53 -29.62 -10.67
CA ILE A 139 -0.67 -29.41 -9.87
C ILE A 139 -1.35 -28.13 -10.36
N PRO A 140 -2.68 -28.05 -10.27
CA PRO A 140 -3.39 -26.84 -10.72
C PRO A 140 -3.40 -25.75 -9.66
N THR A 141 -3.29 -24.49 -10.12
CA THR A 141 -3.37 -23.37 -9.21
C THR A 141 -3.77 -22.13 -10.00
N ASP A 142 -4.43 -21.19 -9.33
CA ASP A 142 -4.73 -19.89 -9.92
C ASP A 142 -3.53 -18.98 -9.71
N ILE A 143 -2.95 -18.46 -10.80
CA ILE A 143 -1.76 -17.63 -10.73
C ILE A 143 -2.11 -16.22 -11.19
N CYS A 144 -1.80 -15.23 -10.37
CA CYS A 144 -2.00 -13.84 -10.73
C CYS A 144 -0.67 -13.30 -11.26
N ILE A 145 -0.64 -12.94 -12.53
CA ILE A 145 0.56 -12.38 -13.17
C ILE A 145 0.20 -10.97 -13.64
N HIS A 146 0.88 -9.96 -13.10
CA HIS A 146 0.63 -8.57 -13.45
CA HIS A 146 0.62 -8.58 -13.46
C HIS A 146 -0.86 -8.24 -13.32
N LYS A 147 -1.45 -8.67 -12.20
CA LYS A 147 -2.83 -8.39 -11.79
C LYS A 147 -3.89 -9.15 -12.58
N ARG A 148 -3.52 -10.12 -13.40
CA ARG A 148 -4.46 -10.93 -14.17
C ARG A 148 -4.39 -12.36 -13.67
N THR A 149 -5.52 -12.92 -13.25
CA THR A 149 -5.52 -14.24 -12.65
C THR A 149 -5.86 -15.29 -13.71
N ILE A 150 -5.00 -16.30 -13.83
CA ILE A 150 -5.05 -17.30 -14.88
C ILE A 150 -4.96 -18.66 -14.21
N LYS A 151 -5.82 -19.59 -14.63
CA LYS A 151 -5.67 -20.97 -14.18
C LYS A 151 -4.43 -21.58 -14.84
N MET A 152 -3.50 -22.07 -14.03
CA MET A 152 -2.25 -22.59 -14.53
C MET A 152 -1.93 -23.96 -13.94
N ALA A 153 -1.00 -24.66 -14.58
CA ALA A 153 -0.37 -25.80 -13.95
C ALA A 153 0.98 -25.37 -13.39
N GLU A 154 1.31 -25.91 -12.23
CA GLU A 154 2.61 -25.70 -11.59
CA GLU A 154 2.61 -25.70 -11.59
C GLU A 154 3.41 -26.97 -11.80
N VAL A 155 4.48 -26.89 -12.61
CA VAL A 155 5.25 -28.08 -13.01
C VAL A 155 6.46 -28.21 -12.11
N ASN A 156 6.75 -29.44 -11.68
CA ASN A 156 7.81 -29.69 -10.71
C ASN A 156 8.20 -31.14 -10.77
N PHE A 157 9.39 -31.43 -10.21
CA PHE A 157 9.89 -32.79 -10.02
C PHE A 157 10.16 -33.51 -11.35
N LEU A 158 10.51 -32.75 -12.38
CA LEU A 158 10.99 -33.36 -13.61
C LEU A 158 12.33 -34.03 -13.34
N CYS A 159 12.41 -35.33 -13.62
CA CYS A 159 13.62 -36.07 -13.31
C CYS A 159 13.81 -37.20 -14.31
N VAL A 160 15.01 -37.30 -14.87
CA VAL A 160 15.42 -38.42 -15.70
C VAL A 160 16.60 -39.11 -15.02
N HIS A 161 16.55 -40.45 -14.97
CA HIS A 161 17.62 -41.22 -14.37
C HIS A 161 18.98 -40.79 -14.90
N LYS A 162 19.97 -40.75 -14.00
CA LYS A 162 21.30 -40.31 -14.40
C LYS A 162 21.86 -41.09 -15.59
N THR A 163 21.48 -42.37 -15.73
CA THR A 163 22.04 -43.22 -16.78
C THR A 163 21.43 -42.95 -18.15
N LEU A 164 20.37 -42.14 -18.21
CA LEU A 164 19.65 -41.86 -19.45
C LEU A 164 19.67 -40.38 -19.80
N ARG A 165 20.65 -39.63 -19.29
CA ARG A 165 20.69 -38.20 -19.55
C ARG A 165 21.15 -37.89 -20.98
N SER A 166 20.71 -36.71 -21.45
CA SER A 166 21.07 -36.17 -22.76
C SER A 166 20.60 -37.04 -23.91
N LYS A 167 19.47 -37.75 -23.72
CA LYS A 167 18.87 -38.57 -24.76
C LYS A 167 17.56 -37.95 -25.26
N ARG A 168 17.30 -36.70 -24.92
CA ARG A 168 16.10 -35.96 -25.32
C ARG A 168 14.83 -36.56 -24.73
N LEU A 169 14.92 -37.22 -23.57
CA LEU A 169 13.73 -37.71 -22.89
CA LEU A 169 13.70 -37.70 -22.94
C LEU A 169 12.94 -36.58 -22.25
N ALA A 170 13.63 -35.55 -21.75
CA ALA A 170 12.93 -34.48 -21.05
C ALA A 170 11.91 -33.77 -21.94
N PRO A 171 12.19 -33.44 -23.20
CA PRO A 171 11.13 -32.88 -24.05
C PRO A 171 9.95 -33.82 -24.22
N VAL A 172 10.14 -35.15 -24.21
CA VAL A 172 8.99 -36.04 -24.28
C VAL A 172 8.13 -35.90 -23.03
N LEU A 173 8.77 -35.84 -21.86
CA LEU A 173 8.03 -35.67 -20.61
C LEU A 173 7.30 -34.34 -20.59
N ILE A 174 7.96 -33.27 -21.06
CA ILE A 174 7.36 -31.95 -21.07
C ILE A 174 6.19 -31.91 -22.04
N LYS A 175 6.35 -32.47 -23.23
CA LYS A 175 5.26 -32.44 -24.20
C LYS A 175 4.08 -33.26 -23.73
N GLU A 176 4.34 -34.39 -23.06
CA GLU A 176 3.25 -35.25 -22.58
C GLU A 176 2.47 -34.58 -21.45
N ILE A 177 3.16 -33.94 -20.50
CA ILE A 177 2.39 -33.28 -19.45
C ILE A 177 1.66 -32.05 -20.00
N THR A 178 2.27 -31.33 -20.96
CA THR A 178 1.56 -30.25 -21.63
C THR A 178 0.26 -30.75 -22.25
N ARG A 179 0.33 -31.87 -22.95
CA ARG A 179 -0.86 -32.43 -23.59
C ARG A 179 -1.94 -32.72 -22.55
N ARG A 180 -1.57 -33.35 -21.44
CA ARG A 180 -2.54 -33.72 -20.42
C ARG A 180 -3.12 -32.48 -19.73
N ILE A 181 -2.29 -31.46 -19.53
CA ILE A 181 -2.79 -30.23 -18.93
C ILE A 181 -3.77 -29.55 -19.88
N ASN A 182 -3.43 -29.53 -21.17
CA ASN A 182 -4.32 -28.93 -22.18
C ASN A 182 -5.67 -29.64 -22.23
N LEU A 183 -5.71 -30.95 -21.94
CA LEU A 183 -6.98 -31.68 -21.94
C LEU A 183 -7.95 -31.14 -20.91
N GLU A 184 -7.44 -30.47 -19.87
CA GLU A 184 -8.27 -29.86 -18.85
C GLU A 184 -8.54 -28.39 -19.14
N ASN A 185 -8.32 -27.94 -20.38
CA ASN A 185 -8.57 -26.55 -20.79
C ASN A 185 -7.70 -25.57 -20.05
N ILE A 186 -6.47 -25.98 -19.75
CA ILE A 186 -5.47 -25.12 -19.14
C ILE A 186 -4.31 -24.98 -20.12
N TRP A 187 -3.89 -23.73 -20.35
CA TRP A 187 -3.02 -23.39 -21.46
C TRP A 187 -1.79 -22.61 -21.03
N GLN A 188 -1.62 -22.39 -19.73
CA GLN A 188 -0.48 -21.69 -19.16
C GLN A 188 0.10 -22.55 -18.04
N ALA A 189 1.37 -22.33 -17.75
CA ALA A 189 2.02 -23.03 -16.63
C ALA A 189 3.05 -22.12 -16.01
N ILE A 190 3.37 -22.40 -14.75
CA ILE A 190 4.46 -21.75 -14.05
C ILE A 190 5.45 -22.83 -13.66
N TYR A 191 6.73 -22.50 -13.75
CA TYR A 191 7.76 -23.47 -13.34
C TYR A 191 9.01 -22.69 -12.97
N THR A 192 9.85 -23.33 -12.16
CA THR A 192 11.14 -22.77 -11.79
C THR A 192 12.23 -23.76 -12.16
N ALA A 193 13.42 -23.24 -12.44
CA ALA A 193 14.56 -24.11 -12.70
C ALA A 193 15.83 -23.32 -12.42
N GLY A 194 16.93 -24.04 -12.19
CA GLY A 194 18.22 -23.38 -12.09
C GLY A 194 18.87 -23.09 -13.42
N VAL A 195 18.65 -23.96 -14.41
CA VAL A 195 19.20 -23.74 -15.74
C VAL A 195 18.52 -22.55 -16.40
N TYR A 196 19.26 -21.88 -17.29
CA TYR A 196 18.74 -20.73 -18.02
C TYR A 196 18.07 -21.23 -19.27
N LEU A 197 16.76 -20.98 -19.37
CA LEU A 197 15.89 -21.39 -20.45
C LEU A 197 15.21 -20.15 -21.00
N PRO A 198 14.62 -20.22 -22.20
CA PRO A 198 13.83 -19.09 -22.68
C PRO A 198 12.45 -19.10 -22.02
N LYS A 199 12.10 -18.04 -21.28
CA LYS A 199 12.98 -16.95 -20.82
CA LYS A 199 12.98 -16.95 -20.82
C LYS A 199 12.43 -16.55 -19.45
N PRO A 200 13.30 -16.33 -18.47
CA PRO A 200 12.80 -16.06 -17.11
C PRO A 200 11.95 -14.79 -17.05
N VAL A 201 10.87 -14.88 -16.27
CA VAL A 201 10.17 -13.65 -15.89
CA VAL A 201 10.14 -13.68 -15.86
C VAL A 201 10.80 -13.01 -14.66
N SER A 202 11.59 -13.77 -13.90
CA SER A 202 12.37 -13.25 -12.78
C SER A 202 13.45 -14.25 -12.44
N ASP A 203 14.47 -13.77 -11.71
CA ASP A 203 15.64 -14.58 -11.34
C ASP A 203 16.00 -14.22 -9.91
N ALA A 204 15.95 -15.19 -8.99
CA ALA A 204 16.20 -14.94 -7.58
C ALA A 204 17.40 -15.75 -7.08
N ARG A 205 18.43 -15.06 -6.63
CA ARG A 205 19.50 -15.72 -5.89
C ARG A 205 18.99 -16.24 -4.56
N TYR A 206 19.62 -17.30 -4.07
CA TYR A 206 19.33 -17.83 -2.74
CA TYR A 206 19.31 -17.77 -2.73
C TYR A 206 20.42 -17.40 -1.75
N TYR A 207 20.02 -17.31 -0.49
CA TYR A 207 20.89 -16.92 0.61
C TYR A 207 20.70 -17.91 1.75
N HIS A 208 21.76 -18.13 2.52
CA HIS A 208 21.73 -19.11 3.60
CA HIS A 208 21.74 -19.11 3.59
C HIS A 208 22.11 -18.46 4.92
N ARG A 209 21.44 -18.89 5.98
CA ARG A 209 21.71 -18.41 7.34
C ARG A 209 22.13 -19.61 8.17
N SER A 210 23.41 -19.67 8.51
CA SER A 210 23.94 -20.79 9.27
CA SER A 210 23.94 -20.79 9.27
C SER A 210 23.29 -20.90 10.64
N ILE A 211 22.92 -22.13 11.01
CA ILE A 211 22.45 -22.43 12.37
C ILE A 211 23.42 -23.36 13.09
N ASN A 212 23.72 -24.52 12.50
CA ASN A 212 24.66 -25.49 13.05
CA ASN A 212 24.67 -25.46 13.08
C ASN A 212 26.01 -25.23 12.40
N VAL A 213 26.76 -24.29 12.97
CA VAL A 213 28.01 -23.79 12.39
C VAL A 213 29.03 -24.91 12.21
N LYS A 214 29.28 -25.70 13.24
CA LYS A 214 30.35 -26.70 13.16
C LYS A 214 30.08 -27.70 12.05
N LYS A 215 28.83 -28.17 11.94
CA LYS A 215 28.49 -29.12 10.89
C LYS A 215 28.67 -28.50 9.51
N LEU A 216 28.25 -27.25 9.34
CA LEU A 216 28.39 -26.60 8.04
C LEU A 216 29.85 -26.43 7.65
N ILE A 217 30.73 -26.19 8.62
CA ILE A 217 32.14 -26.11 8.32
CA ILE A 217 32.16 -26.12 8.35
C ILE A 217 32.70 -27.48 7.95
N GLU A 218 32.32 -28.51 8.72
CA GLU A 218 32.86 -29.85 8.50
C GLU A 218 32.49 -30.42 7.13
N ILE A 219 31.32 -30.05 6.59
CA ILE A 219 30.93 -30.56 5.27
C ILE A 219 31.34 -29.63 4.14
N GLY A 220 32.02 -28.53 4.44
CA GLY A 220 32.46 -27.61 3.42
C GLY A 220 31.43 -26.59 2.96
N PHE A 221 30.25 -26.55 3.60
CA PHE A 221 29.22 -25.56 3.24
C PHE A 221 29.67 -24.15 3.60
N SER A 222 30.33 -24.01 4.74
CA SER A 222 30.82 -22.72 5.25
C SER A 222 32.33 -22.79 5.41
N SER A 223 32.96 -21.62 5.56
CA SER A 223 34.41 -21.52 5.62
C SER A 223 34.86 -20.71 6.83
N LEU A 224 36.07 -21.01 7.29
CA LEU A 224 36.76 -20.26 8.34
C LEU A 224 37.97 -19.55 7.75
N ASN A 225 38.57 -18.66 8.53
CA ASN A 225 39.84 -18.05 8.18
C ASN A 225 40.53 -17.58 9.45
N SER A 226 41.68 -16.93 9.30
CA SER A 226 42.49 -16.61 10.47
C SER A 226 41.79 -15.61 11.38
N ARG A 227 40.96 -14.73 10.82
CA ARG A 227 40.12 -13.86 11.63
C ARG A 227 38.92 -14.61 12.20
N LEU A 228 38.24 -15.39 11.34
CA LEU A 228 37.05 -16.13 11.77
C LEU A 228 37.44 -17.56 12.11
N THR A 229 37.93 -17.73 13.34
CA THR A 229 38.21 -19.04 13.89
C THR A 229 36.90 -19.80 14.16
N MET A 230 37.04 -21.08 14.48
CA MET A 230 35.84 -21.89 14.75
C MET A 230 35.00 -21.30 15.89
N SER A 231 35.65 -20.99 17.02
CA SER A 231 34.89 -20.42 18.12
C SER A 231 34.24 -19.09 17.75
N ARG A 232 34.94 -18.26 16.97
CA ARG A 232 34.34 -16.98 16.60
C ARG A 232 33.18 -17.17 15.64
N ALA A 233 33.28 -18.13 14.72
CA ALA A 233 32.17 -18.44 13.82
C ALA A 233 30.94 -18.89 14.61
N ILE A 234 31.13 -19.77 15.59
CA ILE A 234 30.02 -20.24 16.40
C ILE A 234 29.37 -19.08 17.14
N LYS A 235 30.18 -18.17 17.68
CA LYS A 235 29.63 -17.02 18.39
C LYS A 235 28.90 -16.09 17.44
N LEU A 236 29.42 -15.92 16.22
CA LEU A 236 28.80 -15.00 15.27
C LEU A 236 27.36 -15.41 14.96
N TYR A 237 27.11 -16.71 14.84
CA TYR A 237 25.81 -17.18 14.42
C TYR A 237 24.95 -17.67 15.59
N ARG A 238 25.40 -17.44 16.82
CA ARG A 238 24.61 -17.79 17.99
C ARG A 238 23.30 -17.01 17.97
N VAL A 239 22.19 -17.69 18.31
CA VAL A 239 20.93 -16.99 18.41
C VAL A 239 20.35 -17.15 19.81
N GLU A 240 19.65 -16.12 20.26
CA GLU A 240 18.96 -16.11 21.55
C GLU A 240 17.68 -16.92 21.45
N ASP A 241 17.48 -17.83 22.40
CA ASP A 241 16.32 -18.71 22.37
C ASP A 241 15.07 -18.03 22.91
N THR A 242 14.81 -16.80 22.49
CA THR A 242 13.58 -16.09 22.89
C THR A 242 12.98 -15.42 21.68
N LEU A 243 11.67 -15.62 21.48
CA LEU A 243 10.98 -15.03 20.35
C LEU A 243 10.77 -13.52 20.53
N ASN A 244 10.89 -12.77 19.42
CA ASN A 244 10.46 -11.38 19.40
C ASN A 244 8.95 -11.27 19.53
N ILE A 245 8.22 -12.21 18.95
CA ILE A 245 6.77 -12.24 18.98
C ILE A 245 6.39 -13.38 19.92
N LYS A 246 6.13 -13.04 21.19
CA LYS A 246 6.12 -14.06 22.25
C LYS A 246 5.10 -15.16 22.01
N ASN A 247 3.97 -14.85 21.39
CA ASN A 247 2.89 -15.84 21.29
C ASN A 247 2.91 -16.61 19.99
N MET A 248 3.95 -16.46 19.17
CA MET A 248 4.08 -17.24 17.94
CA MET A 248 4.06 -17.24 17.93
C MET A 248 3.96 -18.73 18.24
N ARG A 249 2.99 -19.39 17.61
CA ARG A 249 2.69 -20.77 17.94
C ARG A 249 2.35 -21.56 16.68
N LEU A 250 2.45 -22.88 16.76
CA LEU A 250 2.10 -23.71 15.62
C LEU A 250 0.67 -23.43 15.18
N MET A 251 0.49 -23.31 13.87
CA MET A 251 -0.82 -23.13 13.29
C MET A 251 -1.70 -24.34 13.57
N LYS A 252 -2.98 -24.07 13.83
CA LYS A 252 -4.02 -25.08 14.03
C LYS A 252 -5.11 -24.89 12.99
N LYS A 253 -5.97 -25.92 12.85
CA LYS A 253 -7.05 -25.86 11.88
C LYS A 253 -7.90 -24.62 12.07
N LYS A 254 -8.11 -24.19 13.32
CA LYS A 254 -8.93 -23.02 13.57
C LYS A 254 -8.36 -21.75 12.95
N ASP A 255 -7.08 -21.75 12.60
CA ASP A 255 -6.41 -20.56 12.09
C ASP A 255 -6.53 -20.40 10.58
N VAL A 256 -7.14 -21.34 9.88
CA VAL A 256 -7.10 -21.31 8.41
C VAL A 256 -7.74 -20.03 7.88
N GLU A 257 -8.90 -19.65 8.41
CA GLU A 257 -9.57 -18.46 7.90
C GLU A 257 -8.69 -17.22 8.10
N GLY A 258 -8.07 -17.08 9.26
CA GLY A 258 -7.23 -15.91 9.52
C GLY A 258 -5.95 -15.89 8.70
N VAL A 259 -5.35 -17.05 8.47
CA VAL A 259 -4.17 -17.12 7.60
C VAL A 259 -4.57 -16.79 6.17
N HIS A 260 -5.72 -17.30 5.73
CA HIS A 260 -6.19 -16.99 4.40
C HIS A 260 -6.38 -15.48 4.21
N LYS A 261 -6.92 -14.80 5.22
CA LYS A 261 -7.10 -13.35 5.12
C LYS A 261 -5.75 -12.64 5.15
N LEU A 262 -4.87 -13.02 6.08
CA LEU A 262 -3.61 -12.31 6.23
C LEU A 262 -2.73 -12.49 5.00
N LEU A 263 -2.52 -13.74 4.58
CA LEU A 263 -1.64 -14.01 3.44
C LEU A 263 -2.25 -13.54 2.13
N GLY A 264 -3.55 -13.81 1.93
CA GLY A 264 -4.19 -13.42 0.69
C GLY A 264 -4.11 -11.92 0.45
N SER A 265 -4.29 -11.12 1.51
CA SER A 265 -4.18 -9.68 1.36
CA SER A 265 -4.18 -9.69 1.34
C SER A 265 -2.73 -9.28 1.10
N TYR A 266 -1.80 -9.91 1.82
CA TYR A 266 -0.39 -9.58 1.68
C TYR A 266 0.09 -9.79 0.25
N LEU A 267 -0.33 -10.89 -0.37
CA LEU A 267 0.28 -11.28 -1.64
C LEU A 267 -0.16 -10.40 -2.80
N GLU A 268 -1.25 -9.63 -2.66
CA GLU A 268 -1.78 -8.88 -3.79
C GLU A 268 -0.82 -7.81 -4.27
N GLN A 269 0.18 -7.46 -3.46
CA GLN A 269 1.13 -6.42 -3.86
C GLN A 269 2.10 -6.90 -4.92
N PHE A 270 2.23 -8.21 -5.13
CA PHE A 270 3.31 -8.69 -5.98
C PHE A 270 2.85 -8.87 -7.43
N ASN A 271 3.84 -8.99 -8.31
CA ASN A 271 3.59 -9.17 -9.74
C ASN A 271 3.31 -10.62 -10.11
N LEU A 272 3.55 -11.55 -9.20
CA LEU A 272 3.40 -12.97 -9.51
C LEU A 272 3.09 -13.67 -8.21
N TYR A 273 1.90 -14.24 -8.09
CA TYR A 273 1.57 -14.96 -6.87
C TYR A 273 0.43 -15.92 -7.13
N ALA A 274 0.27 -16.89 -6.24
CA ALA A 274 -0.88 -17.78 -6.28
C ALA A 274 -2.04 -17.16 -5.53
N VAL A 275 -3.24 -17.30 -6.09
CA VAL A 275 -4.47 -16.82 -5.44
C VAL A 275 -5.03 -18.03 -4.69
N PHE A 276 -4.71 -18.13 -3.41
CA PHE A 276 -5.06 -19.29 -2.61
C PHE A 276 -6.52 -19.26 -2.17
N THR A 277 -7.19 -20.40 -2.31
CA THR A 277 -8.47 -20.62 -1.65
C THR A 277 -8.24 -21.05 -0.20
N LYS A 278 -9.32 -21.04 0.58
CA LYS A 278 -9.22 -21.52 1.97
C LYS A 278 -8.75 -22.98 2.00
N GLU A 279 -9.25 -23.80 1.09
CA GLU A 279 -8.80 -25.18 1.01
C GLU A 279 -7.30 -25.27 0.72
N GLU A 280 -6.80 -24.40 -0.16
CA GLU A 280 -5.36 -24.38 -0.43
C GLU A 280 -4.57 -23.89 0.77
N ILE A 281 -5.09 -22.92 1.52
CA ILE A 281 -4.40 -22.46 2.72
C ILE A 281 -4.27 -23.62 3.71
N ALA A 282 -5.38 -24.35 3.93
CA ALA A 282 -5.31 -25.48 4.86
C ALA A 282 -4.27 -26.50 4.41
N HIS A 283 -4.22 -26.78 3.10
CA HIS A 283 -3.29 -27.78 2.62
C HIS A 283 -1.84 -27.31 2.73
N TRP A 284 -1.56 -26.10 2.25
CA TRP A 284 -0.17 -25.67 2.14
C TRP A 284 0.43 -25.25 3.47
N PHE A 285 -0.39 -24.96 4.49
CA PHE A 285 0.17 -24.41 5.71
C PHE A 285 -0.09 -25.19 6.99
N LEU A 286 -1.10 -26.06 7.06
CA LEU A 286 -1.30 -26.76 8.31
C LEU A 286 -0.10 -27.67 8.57
N PRO A 287 0.48 -27.63 9.77
CA PRO A 287 1.80 -28.23 9.96
C PRO A 287 1.78 -29.74 9.80
N ILE A 288 2.86 -30.24 9.18
CA ILE A 288 3.16 -31.66 9.07
C ILE A 288 4.62 -31.82 9.48
N GLU A 289 4.85 -32.61 10.53
CA GLU A 289 6.21 -32.76 11.04
C GLU A 289 7.15 -33.22 9.94
N ASN A 290 8.34 -32.62 9.90
CA ASN A 290 9.37 -32.91 8.92
C ASN A 290 8.93 -32.60 7.48
N VAL A 291 7.90 -31.76 7.31
CA VAL A 291 7.47 -31.36 5.97
C VAL A 291 7.25 -29.85 5.94
N ILE A 292 6.23 -29.37 6.65
CA ILE A 292 5.84 -27.96 6.57
C ILE A 292 5.58 -27.47 7.99
N TYR A 293 6.19 -26.32 8.33
CA TYR A 293 6.07 -25.68 9.63
C TYR A 293 5.45 -24.31 9.43
N THR A 294 4.30 -24.07 10.05
CA THR A 294 3.68 -22.75 10.02
C THR A 294 3.39 -22.31 11.44
N TYR A 295 3.75 -21.07 11.77
CA TYR A 295 3.49 -20.49 13.07
C TYR A 295 2.68 -19.21 12.91
N VAL A 296 1.83 -18.93 13.89
CA VAL A 296 0.96 -17.77 13.81
C VAL A 296 0.97 -17.01 15.12
N ASN A 297 0.66 -15.72 15.04
CA ASN A 297 0.46 -14.88 16.21
C ASN A 297 -1.00 -14.45 16.19
N GLU A 298 -1.75 -14.91 17.19
CA GLU A 298 -3.18 -14.65 17.31
C GLU A 298 -3.40 -13.58 18.36
N GLU A 299 -4.14 -12.53 17.98
CA GLU A 299 -4.44 -11.40 18.84
C GLU A 299 -5.92 -11.11 18.65
N ASN A 300 -6.70 -11.18 19.72
CA ASN A 300 -8.15 -10.98 19.64
C ASN A 300 -8.83 -12.02 18.75
N GLY A 301 -8.31 -13.25 18.73
CA GLY A 301 -8.84 -14.24 17.81
C GLY A 301 -8.60 -13.97 16.35
N LYS A 302 -7.70 -13.03 16.02
CA LYS A 302 -7.33 -12.70 14.65
C LYS A 302 -5.86 -12.99 14.42
N ILE A 303 -5.54 -13.51 13.26
CA ILE A 303 -4.15 -13.86 12.93
C ILE A 303 -3.45 -12.61 12.40
N LYS A 304 -2.43 -12.15 13.14
CA LYS A 304 -1.77 -10.90 12.78
C LYS A 304 -0.36 -11.08 12.23
N ASP A 305 0.27 -12.23 12.42
CA ASP A 305 1.59 -12.50 11.90
C ASP A 305 1.68 -13.99 11.59
N MET A 306 2.50 -14.34 10.59
CA MET A 306 2.72 -15.75 10.29
C MET A 306 4.15 -15.97 9.83
N ILE A 307 4.67 -17.14 10.18
CA ILE A 307 5.96 -17.63 9.71
C ILE A 307 5.75 -19.01 9.11
N SER A 308 6.37 -19.29 7.96
CA SER A 308 6.34 -20.67 7.49
C SER A 308 7.64 -21.04 6.79
N PHE A 309 8.00 -22.31 6.92
CA PHE A 309 9.17 -22.85 6.24
C PHE A 309 8.95 -24.35 6.05
N TYR A 310 9.52 -24.89 4.98
CA TYR A 310 9.40 -26.33 4.72
C TYR A 310 10.75 -27.02 4.87
N SER A 311 10.68 -28.32 5.10
CA SER A 311 11.87 -29.15 5.33
C SER A 311 12.30 -29.77 4.00
N LEU A 312 13.53 -29.48 3.58
CA LEU A 312 14.07 -30.07 2.36
C LEU A 312 15.52 -30.45 2.65
N PRO A 313 15.77 -31.70 3.02
CA PRO A 313 17.14 -32.13 3.28
C PRO A 313 17.88 -32.28 1.97
N SER A 314 19.19 -32.07 2.03
CA SER A 314 20.08 -32.45 0.94
C SER A 314 21.00 -33.55 1.41
N GLN A 315 21.05 -34.61 0.63
CA GLN A 315 22.04 -35.64 0.85
C GLN A 315 23.42 -35.06 0.60
N ILE A 316 24.36 -35.36 1.50
CA ILE A 316 25.73 -34.89 1.36
C ILE A 316 26.51 -36.01 0.67
N LEU A 317 26.93 -35.74 -0.57
CA LEU A 317 27.45 -36.81 -1.41
C LEU A 317 28.84 -37.21 -0.92
N GLY A 318 28.98 -38.49 -0.58
CA GLY A 318 30.26 -39.06 -0.22
C GLY A 318 30.74 -38.83 1.20
N ASN A 319 30.03 -38.02 1.99
CA ASN A 319 30.54 -37.65 3.32
C ASN A 319 30.45 -38.83 4.27
N ASP A 320 31.55 -39.08 5.00
CA ASP A 320 31.59 -40.22 5.91
C ASP A 320 30.82 -39.96 7.20
N LYS A 321 30.94 -38.75 7.76
CA LYS A 321 30.30 -38.46 9.04
C LYS A 321 28.82 -38.15 8.88
N TYR A 322 28.49 -37.21 8.00
CA TYR A 322 27.12 -36.73 7.84
C TYR A 322 26.54 -37.22 6.52
N SER A 323 25.33 -37.76 6.58
CA SER A 323 24.62 -38.14 5.36
C SER A 323 23.74 -37.03 4.82
N THR A 324 23.28 -36.12 5.68
CA THR A 324 22.18 -35.23 5.39
C THR A 324 22.46 -33.83 5.90
N LEU A 325 22.22 -32.84 5.05
CA LEU A 325 22.11 -31.45 5.46
C LEU A 325 20.64 -31.15 5.69
N ASN A 326 20.27 -30.84 6.93
CA ASN A 326 18.87 -30.60 7.31
C ASN A 326 18.57 -29.12 7.16
N ALA A 327 17.96 -28.75 6.05
CA ALA A 327 17.74 -27.36 5.69
C ALA A 327 16.27 -27.01 5.81
N ALA A 328 16.00 -25.82 6.35
CA ALA A 328 14.67 -25.23 6.35
C ALA A 328 14.64 -24.15 5.29
N TYR A 329 13.57 -24.12 4.51
CA TYR A 329 13.40 -23.20 3.39
C TYR A 329 12.28 -22.24 3.70
N SER A 330 12.59 -20.95 3.71
CA SER A 330 11.58 -19.92 3.88
C SER A 330 10.47 -20.07 2.86
N PHE A 331 9.23 -19.96 3.32
CA PHE A 331 8.06 -20.18 2.47
C PHE A 331 7.31 -18.87 2.38
N TYR A 332 6.35 -18.64 3.27
CA TYR A 332 5.62 -17.36 3.30
C TYR A 332 5.63 -16.80 4.72
N ASN A 333 5.95 -15.51 4.83
CA ASN A 333 6.12 -14.83 6.11
C ASN A 333 5.49 -13.45 6.02
N VAL A 334 4.62 -13.14 6.99
CA VAL A 334 3.90 -11.87 6.99
C VAL A 334 3.88 -11.32 8.41
N THR A 335 4.17 -10.04 8.57
CA THR A 335 4.05 -9.43 9.88
C THR A 335 3.26 -8.12 9.82
N THR A 336 2.38 -7.92 10.80
CA THR A 336 1.77 -6.61 11.01
C THR A 336 2.02 -6.05 12.40
N THR A 337 2.59 -6.81 13.32
CA THR A 337 2.82 -6.31 14.67
C THR A 337 4.30 -6.15 15.00
N ALA A 338 5.19 -6.50 14.08
CA ALA A 338 6.64 -6.41 14.30
C ALA A 338 7.30 -5.89 13.03
N THR A 339 8.63 -5.77 13.08
CA THR A 339 9.33 -5.51 11.83
C THR A 339 9.55 -6.81 11.10
N PHE A 340 9.75 -6.72 9.77
CA PHE A 340 10.03 -7.93 9.02
C PHE A 340 11.32 -8.58 9.50
N LYS A 341 12.29 -7.77 9.91
CA LYS A 341 13.53 -8.32 10.46
C LYS A 341 13.26 -9.12 11.74
N GLN A 342 12.44 -8.57 12.66
CA GLN A 342 12.11 -9.32 13.86
C GLN A 342 11.38 -10.61 13.52
N LEU A 343 10.50 -10.58 12.52
CA LEU A 343 9.75 -11.76 12.14
C LEU A 343 10.68 -12.84 11.59
N MET A 344 11.61 -12.45 10.73
CA MET A 344 12.50 -13.44 10.14
C MET A 344 13.54 -13.92 11.14
N GLN A 345 13.91 -13.09 12.13
CA GLN A 345 14.74 -13.57 13.21
C GLN A 345 14.02 -14.67 13.99
N ASP A 346 12.72 -14.50 14.23
CA ASP A 346 11.93 -15.55 14.87
C ASP A 346 11.85 -16.79 13.99
N ALA A 347 11.74 -16.60 12.67
CA ALA A 347 11.74 -17.76 11.76
C ALA A 347 13.01 -18.58 11.90
N ILE A 348 14.16 -17.90 11.96
CA ILE A 348 15.43 -18.60 12.17
C ILE A 348 15.42 -19.33 13.50
N LEU A 349 14.93 -18.66 14.55
CA LEU A 349 14.87 -19.30 15.86
C LEU A 349 14.00 -20.55 15.82
N LEU A 350 12.83 -20.45 15.19
CA LEU A 350 11.93 -21.59 15.15
C LEU A 350 12.53 -22.73 14.33
N ALA A 351 13.26 -22.40 13.26
CA ALA A 351 14.00 -23.43 12.54
C ALA A 351 15.06 -24.07 13.43
N LYS A 352 15.79 -23.27 14.21
CA LYS A 352 16.78 -23.85 15.12
C LYS A 352 16.11 -24.78 16.13
N ARG A 353 14.98 -24.35 16.70
CA ARG A 353 14.28 -25.15 17.70
C ARG A 353 13.80 -26.48 17.13
N ASN A 354 13.64 -26.56 15.82
CA ASN A 354 13.22 -27.80 15.16
C ASN A 354 14.40 -28.54 14.52
N ASN A 355 15.63 -28.22 14.96
CA ASN A 355 16.82 -29.03 14.69
CA ASN A 355 16.84 -29.00 14.71
C ASN A 355 17.33 -28.86 13.27
N PHE A 356 17.02 -27.75 12.61
CA PHE A 356 17.56 -27.52 11.27
C PHE A 356 18.98 -26.95 11.35
N ASP A 357 19.78 -27.28 10.34
CA ASP A 357 21.19 -26.88 10.29
C ASP A 357 21.40 -25.52 9.66
N VAL A 358 20.48 -25.12 8.78
CA VAL A 358 20.63 -23.91 8.00
C VAL A 358 19.23 -23.47 7.59
N PHE A 359 19.07 -22.16 7.37
CA PHE A 359 17.82 -21.55 6.94
C PHE A 359 18.08 -20.89 5.60
N ASN A 360 17.41 -21.39 4.56
CA ASN A 360 17.61 -20.93 3.19
C ASN A 360 16.44 -20.09 2.72
N ALA A 361 16.74 -19.01 2.00
CA ALA A 361 15.70 -18.13 1.50
C ALA A 361 16.11 -17.56 0.15
N LEU A 362 15.11 -17.31 -0.69
CA LEU A 362 15.31 -16.58 -1.93
C LEU A 362 15.11 -15.08 -1.70
N GLU A 363 15.72 -14.28 -2.58
CA GLU A 363 15.51 -12.83 -2.57
C GLU A 363 14.18 -12.45 -3.20
N VAL A 364 13.09 -13.09 -2.76
CA VAL A 364 11.76 -12.77 -3.22
C VAL A 364 11.01 -12.01 -2.11
N MET A 365 9.87 -11.43 -2.48
CA MET A 365 9.03 -10.68 -1.52
C MET A 365 9.92 -9.66 -0.81
N GLN A 366 9.84 -9.55 0.52
CA GLN A 366 10.65 -8.59 1.26
C GLN A 366 11.95 -9.17 1.79
N ASN A 367 12.35 -10.36 1.33
CA ASN A 367 13.39 -11.12 2.02
C ASN A 367 14.75 -10.44 1.96
N LYS A 368 15.13 -9.90 0.80
CA LYS A 368 16.49 -9.40 0.67
CA LYS A 368 16.49 -9.38 0.65
C LYS A 368 16.81 -8.33 1.69
N SER A 369 15.80 -7.54 2.10
CA SER A 369 16.03 -6.44 3.04
C SER A 369 16.57 -6.89 4.39
N VAL A 370 16.40 -8.16 4.77
CA VAL A 370 16.86 -8.62 6.08
C VAL A 370 18.12 -9.45 6.03
N PHE A 371 18.61 -9.81 4.83
CA PHE A 371 19.70 -10.78 4.72
C PHE A 371 20.99 -10.28 5.38
N GLU A 372 21.35 -9.01 5.18
CA GLU A 372 22.61 -8.52 5.76
C GLU A 372 22.57 -8.53 7.28
N ASP A 373 21.52 -7.93 7.86
CA ASP A 373 21.46 -7.78 9.31
C ASP A 373 21.31 -9.10 10.03
N LEU A 374 20.64 -10.07 9.41
CA LEU A 374 20.41 -11.37 10.01
C LEU A 374 21.52 -12.37 9.65
N LYS A 375 22.60 -11.91 9.04
CA LYS A 375 23.82 -12.69 8.85
C LYS A 375 23.64 -13.82 7.84
N PHE A 376 22.81 -13.59 6.82
CA PHE A 376 22.75 -14.48 5.68
C PHE A 376 23.98 -14.28 4.79
N GLY A 377 24.40 -15.36 4.13
CA GLY A 377 25.41 -15.30 3.10
C GLY A 377 24.82 -15.62 1.73
N GLU A 378 25.37 -15.00 0.69
CA GLU A 378 24.89 -15.24 -0.67
C GLU A 378 25.34 -16.63 -1.14
N GLY A 379 24.41 -17.39 -1.72
CA GLY A 379 24.72 -18.69 -2.29
C GLY A 379 25.35 -18.55 -3.65
N ASP A 380 25.61 -19.68 -4.29
CA ASP A 380 26.39 -19.68 -5.51
C ASP A 380 25.57 -19.82 -6.78
N GLU A 381 24.24 -19.80 -6.68
CA GLU A 381 23.39 -20.00 -7.85
CA GLU A 381 23.44 -19.90 -7.89
C GLU A 381 22.04 -19.37 -7.59
N SER A 382 21.21 -19.33 -8.62
CA SER A 382 19.92 -18.68 -8.52
C SER A 382 18.84 -19.57 -9.11
N LEU A 383 17.61 -19.26 -8.73
CA LEU A 383 16.41 -19.94 -9.23
C LEU A 383 15.65 -19.00 -10.15
N LYS A 384 15.40 -19.45 -11.38
CA LYS A 384 14.69 -18.67 -12.39
CA LYS A 384 14.69 -18.66 -12.38
C LYS A 384 13.22 -19.04 -12.38
N TYR A 385 12.36 -18.04 -12.53
CA TYR A 385 10.91 -18.21 -12.61
C TYR A 385 10.49 -18.09 -14.08
N TYR A 386 9.62 -19.00 -14.51
CA TYR A 386 9.20 -19.08 -15.91
C TYR A 386 7.69 -19.20 -16.00
N LEU A 387 7.14 -18.66 -17.09
CA LEU A 387 5.76 -18.94 -17.47
C LEU A 387 5.75 -19.58 -18.85
N TYR A 388 4.83 -20.51 -19.04
CA TYR A 388 4.61 -21.16 -20.33
C TYR A 388 3.39 -20.54 -21.00
N ASN A 389 3.56 -20.16 -22.27
CA ASN A 389 2.51 -19.53 -23.10
C ASN A 389 2.00 -18.23 -22.47
N TRP A 390 2.94 -17.38 -22.09
CA TRP A 390 2.58 -16.09 -21.52
C TRP A 390 3.68 -15.07 -21.81
N LYS A 391 3.31 -13.94 -22.38
CA LYS A 391 4.27 -12.86 -22.62
C LYS A 391 3.92 -11.67 -21.73
N CYS A 392 4.93 -11.14 -21.06
CA CYS A 392 4.76 -10.02 -20.14
C CYS A 392 6.13 -9.47 -19.84
N ALA A 393 6.15 -8.30 -19.21
CA ALA A 393 7.40 -7.72 -18.73
C ALA A 393 7.99 -8.59 -17.62
N SER A 394 9.31 -8.75 -17.64
CA SER A 394 9.99 -9.38 -16.52
C SER A 394 10.11 -8.39 -15.37
N PHE A 395 10.56 -8.87 -14.21
CA PHE A 395 10.63 -8.01 -13.05
C PHE A 395 11.70 -8.52 -12.09
N ALA A 396 12.19 -7.59 -11.26
CA ALA A 396 13.11 -7.93 -10.19
C ALA A 396 12.43 -8.90 -9.21
N PRO A 397 13.20 -9.75 -8.54
CA PRO A 397 12.59 -10.80 -7.69
C PRO A 397 11.88 -10.27 -6.44
N ALA A 398 12.12 -9.02 -6.04
CA ALA A 398 11.32 -8.45 -4.96
C ALA A 398 9.85 -8.37 -5.34
N HIS A 399 9.55 -8.47 -6.63
CA HIS A 399 8.16 -8.45 -7.09
C HIS A 399 7.59 -9.85 -7.23
N VAL A 400 8.38 -10.89 -6.99
CA VAL A 400 7.91 -12.27 -6.97
C VAL A 400 7.27 -12.55 -5.61
N GLY A 401 6.06 -13.10 -5.63
CA GLY A 401 5.37 -13.46 -4.41
C GLY A 401 4.88 -14.89 -4.36
N ILE A 402 5.69 -15.80 -4.90
CA ILE A 402 5.36 -17.23 -4.92
C ILE A 402 6.64 -18.02 -4.76
N VAL A 403 6.55 -19.10 -3.98
CA VAL A 403 7.67 -20.01 -3.75
C VAL A 403 7.22 -21.40 -4.19
N LEU A 404 7.94 -21.99 -5.14
CA LEU A 404 7.70 -23.35 -5.59
C LEU A 404 8.61 -24.30 -4.84
N LEU A 405 8.10 -25.50 -4.57
CA LEU A 405 8.81 -26.40 -3.66
C LEU A 405 10.05 -27.00 -4.29
N PRO B 21 30.34 5.57 17.29
CA PRO B 21 30.25 7.03 17.36
C PRO B 21 29.28 7.50 18.44
N ASP B 22 29.55 8.65 19.04
CA ASP B 22 28.74 9.13 20.15
C ASP B 22 27.50 9.90 19.71
N TYR B 23 27.54 10.52 18.53
CA TYR B 23 26.45 11.37 18.04
C TYR B 23 26.00 12.38 19.11
N LYS B 24 26.98 13.07 19.69
CA LYS B 24 26.70 14.00 20.77
C LYS B 24 25.75 15.10 20.33
N PHE B 25 25.88 15.57 19.09
CA PHE B 25 24.89 16.54 18.61
C PHE B 25 23.60 15.86 18.17
N TRP B 26 23.71 14.85 17.32
CA TRP B 26 22.50 14.32 16.69
C TRP B 26 21.55 13.70 17.70
N TYR B 27 22.06 13.17 18.82
CA TYR B 27 21.16 12.57 19.79
C TYR B 27 20.40 13.60 20.62
N THR B 28 20.71 14.90 20.50
CA THR B 28 19.86 15.95 21.05
C THR B 28 18.69 16.29 20.16
N GLN B 29 18.66 15.75 18.92
CA GLN B 29 17.69 16.12 17.91
C GLN B 29 16.57 15.09 17.82
N PRO B 30 15.39 15.51 17.33
CA PRO B 30 14.27 14.56 17.13
C PRO B 30 14.48 13.69 15.89
N VAL B 31 15.41 12.74 16.01
CA VAL B 31 15.70 11.75 14.98
C VAL B 31 15.86 10.41 15.68
N PRO B 32 15.76 9.30 14.93
CA PRO B 32 15.92 7.99 15.59
C PRO B 32 17.32 7.80 16.14
N LYS B 33 17.42 7.03 17.21
CA LYS B 33 18.72 6.53 17.62
C LYS B 33 19.23 5.51 16.61
N ILE B 34 20.55 5.27 16.64
CA ILE B 34 21.19 4.58 15.53
C ILE B 34 20.73 3.14 15.37
N ASN B 35 20.13 2.54 16.41
CA ASN B 35 19.61 1.18 16.30
C ASN B 35 18.09 1.11 16.46
N ASP B 36 17.40 2.24 16.28
CA ASP B 36 15.95 2.28 16.34
C ASP B 36 15.35 1.70 15.05
N GLU B 37 14.34 0.85 15.21
CA GLU B 37 13.61 0.32 14.07
C GLU B 37 12.13 0.38 14.40
N PHE B 38 11.33 0.76 13.42
CA PHE B 38 9.89 0.97 13.62
C PHE B 38 9.08 0.07 12.71
N ASN B 39 7.91 -0.33 13.20
CA ASN B 39 6.97 -1.12 12.41
C ASN B 39 6.41 -0.30 11.25
N GLU B 40 5.86 -1.01 10.26
CA GLU B 40 5.23 -0.33 9.13
C GLU B 40 4.08 0.58 9.57
N SER B 41 3.44 0.28 10.70
CA SER B 41 2.29 1.04 11.17
C SER B 41 2.66 2.36 11.84
N VAL B 42 3.95 2.63 12.02
CA VAL B 42 4.42 3.85 12.65
C VAL B 42 4.77 4.85 11.55
N ASN B 43 4.15 6.03 11.59
CA ASN B 43 4.41 7.05 10.56
C ASN B 43 3.94 8.39 11.15
N GLU B 44 4.81 9.04 11.91
CA GLU B 44 4.38 10.20 12.69
C GLU B 44 5.62 10.98 13.14
N PRO B 45 5.43 12.22 13.59
CA PRO B 45 6.57 12.96 14.16
C PRO B 45 7.06 12.36 15.47
N PHE B 46 8.34 12.66 15.77
CA PHE B 46 8.82 12.46 17.13
C PHE B 46 8.19 13.47 18.09
N ILE B 47 8.10 14.73 17.66
CA ILE B 47 7.56 15.83 18.46
C ILE B 47 6.44 16.49 17.65
N SER B 48 5.23 16.44 18.19
CA SER B 48 4.05 17.07 17.61
CA SER B 48 4.06 17.08 17.60
C SER B 48 3.65 18.29 18.44
N ASP B 49 2.59 18.97 18.01
CA ASP B 49 2.04 20.11 18.76
C ASP B 49 3.07 21.23 18.93
N ASN B 50 3.90 21.42 17.93
CA ASN B 50 4.88 22.50 17.91
C ASN B 50 4.21 23.86 17.71
N LYS B 51 4.84 24.92 18.21
CA LYS B 51 4.26 26.26 18.20
C LYS B 51 5.27 27.27 17.68
N VAL B 52 4.92 27.96 16.59
CA VAL B 52 5.76 29.05 16.09
C VAL B 52 6.04 30.08 17.19
N GLU B 53 5.05 30.34 18.06
CA GLU B 53 5.21 31.35 19.10
CA GLU B 53 5.23 31.36 19.08
C GLU B 53 6.38 31.03 20.03
N ASP B 54 6.68 29.75 20.20
CA ASP B 54 7.71 29.34 21.14
C ASP B 54 9.10 29.24 20.52
N VAL B 55 9.20 29.30 19.18
CA VAL B 55 10.49 29.17 18.50
C VAL B 55 11.43 30.28 18.96
N ARG B 56 12.70 29.94 19.14
CA ARG B 56 13.71 30.95 19.43
C ARG B 56 13.68 32.04 18.37
N LYS B 57 13.62 33.30 18.81
CA LYS B 57 13.64 34.39 17.84
C LYS B 57 15.03 34.98 17.66
N ASP B 58 16.01 34.55 18.46
CA ASP B 58 17.39 34.98 18.34
C ASP B 58 18.19 34.02 17.46
N GLU B 59 19.06 34.58 16.62
CA GLU B 59 20.00 33.77 15.87
C GLU B 59 20.94 33.02 16.80
N TYR B 60 21.29 31.79 16.41
CA TYR B 60 22.28 31.06 17.17
C TYR B 60 23.63 31.80 17.19
N LYS B 61 24.35 31.65 18.31
CA LYS B 61 25.64 32.31 18.44
C LYS B 61 26.69 31.57 17.64
N LEU B 62 27.54 32.35 16.96
CA LEU B 62 28.71 31.89 16.25
C LEU B 62 29.96 32.22 17.06
N PRO B 63 31.08 31.54 16.79
CA PRO B 63 32.32 31.87 17.48
C PRO B 63 32.76 33.29 17.17
N PRO B 64 33.62 33.87 18.01
CA PRO B 64 34.06 35.25 17.79
C PRO B 64 34.68 35.42 16.41
N GLY B 65 34.32 36.51 15.75
CA GLY B 65 34.85 36.84 14.45
C GLY B 65 34.05 36.35 13.26
N TYR B 66 32.95 35.64 13.50
CA TYR B 66 32.11 35.08 12.45
C TYR B 66 30.72 35.64 12.56
N SER B 67 30.03 35.81 11.43
CA SER B 67 28.70 36.40 11.42
CA SER B 67 28.71 36.41 11.42
C SER B 67 27.82 35.69 10.41
N TRP B 68 26.51 35.67 10.71
CA TRP B 68 25.55 35.20 9.73
C TRP B 68 25.45 36.19 8.58
N TYR B 69 25.19 35.67 7.39
CA TYR B 69 25.06 36.48 6.20
C TYR B 69 23.82 36.03 5.44
N VAL B 70 23.02 37.00 5.02
CA VAL B 70 21.84 36.74 4.20
C VAL B 70 22.30 36.66 2.75
N CYS B 71 22.32 35.46 2.19
CA CYS B 71 22.73 35.24 0.81
C CYS B 71 21.55 35.50 -0.13
N ASP B 72 21.74 36.40 -1.09
CA ASP B 72 20.77 36.63 -2.16
C ASP B 72 21.28 35.88 -3.37
N VAL B 73 20.74 34.68 -3.59
CA VAL B 73 21.27 33.84 -4.66
CA VAL B 73 21.26 33.82 -4.65
C VAL B 73 20.98 34.42 -6.03
N LYS B 74 20.01 35.34 -6.12
CA LYS B 74 19.77 36.00 -7.39
C LYS B 74 20.74 37.14 -7.63
N ASP B 75 21.53 37.52 -6.62
CA ASP B 75 22.54 38.55 -6.75
C ASP B 75 23.83 37.91 -7.22
N GLU B 76 24.39 38.41 -8.33
CA GLU B 76 25.58 37.76 -8.90
C GLU B 76 26.73 37.71 -7.89
N LYS B 77 26.96 38.79 -7.16
CA LYS B 77 28.07 38.79 -6.21
C LYS B 77 27.88 37.73 -5.13
N ASP B 78 26.70 37.68 -4.51
CA ASP B 78 26.46 36.67 -3.47
C ASP B 78 26.55 35.27 -4.04
N ARG B 79 25.98 35.07 -5.24
CA ARG B 79 26.00 33.74 -5.85
C ARG B 79 27.42 33.30 -6.18
N SER B 80 28.26 34.25 -6.63
CA SER B 80 29.66 33.91 -6.93
CA SER B 80 29.65 33.91 -6.92
C SER B 80 30.41 33.50 -5.67
N GLU B 81 30.08 34.11 -4.52
CA GLU B 81 30.72 33.73 -3.26
CA GLU B 81 30.73 33.73 -3.27
C GLU B 81 30.32 32.32 -2.85
N ILE B 82 29.05 31.97 -3.00
CA ILE B 82 28.63 30.60 -2.73
C ILE B 82 29.32 29.66 -3.68
N TYR B 83 29.37 30.03 -4.97
CA TYR B 83 30.02 29.20 -5.97
C TYR B 83 31.48 28.92 -5.58
N THR B 84 32.21 29.97 -5.19
CA THR B 84 33.61 29.78 -4.80
C THR B 84 33.74 28.90 -3.57
N LEU B 85 32.91 29.14 -2.54
CA LEU B 85 32.95 28.30 -1.35
C LEU B 85 32.77 26.83 -1.71
N LEU B 86 31.75 26.52 -2.51
CA LEU B 86 31.46 25.13 -2.81
C LEU B 86 32.52 24.52 -3.74
N THR B 87 32.97 25.30 -4.74
CA THR B 87 33.98 24.78 -5.65
C THR B 87 35.22 24.34 -4.91
N ASP B 88 35.63 25.12 -3.90
CA ASP B 88 36.86 24.83 -3.18
C ASP B 88 36.68 23.89 -1.99
N ASN B 89 35.45 23.74 -1.46
CA ASN B 89 35.27 23.08 -0.18
C ASN B 89 34.12 22.09 -0.09
N TYR B 90 33.39 21.79 -1.17
CA TYR B 90 32.20 20.95 -1.02
C TYR B 90 32.58 19.47 -1.13
N VAL B 91 31.61 18.63 -1.51
CA VAL B 91 31.71 17.18 -1.36
C VAL B 91 32.81 16.60 -2.25
N GLU B 92 33.66 15.76 -1.66
CA GLU B 92 34.58 14.91 -2.40
C GLU B 92 34.15 13.46 -2.28
N ASP B 93 34.58 12.66 -3.26
CA ASP B 93 34.43 11.23 -3.12
C ASP B 93 35.35 10.72 -2.01
N ASP B 94 35.11 9.49 -1.59
CA ASP B 94 35.83 8.92 -0.45
C ASP B 94 37.33 8.88 -0.68
N ASP B 95 37.80 8.88 -1.92
CA ASP B 95 39.22 8.81 -2.23
C ASP B 95 39.83 10.17 -2.56
N ASN B 96 39.05 11.25 -2.46
CA ASN B 96 39.54 12.62 -2.71
C ASN B 96 40.12 12.75 -4.12
N ILE B 97 39.47 12.11 -5.09
CA ILE B 97 39.81 12.24 -6.51
C ILE B 97 39.02 13.37 -7.15
N PHE B 98 37.78 13.53 -6.72
CA PHE B 98 36.80 14.41 -7.34
C PHE B 98 36.18 15.30 -6.29
N ARG B 99 35.85 16.53 -6.68
CA ARG B 99 35.06 17.41 -5.85
CA ARG B 99 35.06 17.41 -5.85
C ARG B 99 33.94 17.99 -6.69
N PHE B 100 32.71 17.92 -6.19
CA PHE B 100 31.58 18.48 -6.95
C PHE B 100 31.87 19.92 -7.31
N ASN B 101 31.45 20.31 -8.52
CA ASN B 101 31.66 21.65 -9.02
C ASN B 101 30.32 22.14 -9.62
N TYR B 102 29.32 22.28 -8.75
CA TYR B 102 28.04 22.82 -9.18
C TYR B 102 28.25 24.20 -9.80
N SER B 103 27.62 24.44 -10.95
CA SER B 103 27.79 25.74 -11.59
C SER B 103 26.93 26.79 -10.89
N ALA B 104 27.33 28.05 -11.06
CA ALA B 104 26.54 29.13 -10.48
C ALA B 104 25.11 29.13 -11.01
N GLU B 105 24.94 28.82 -12.29
CA GLU B 105 23.59 28.75 -12.85
C GLU B 105 22.80 27.59 -12.25
N PHE B 106 23.47 26.46 -11.99
CA PHE B 106 22.81 25.35 -11.31
C PHE B 106 22.34 25.77 -9.92
N LEU B 107 23.23 26.40 -9.16
CA LEU B 107 22.88 26.83 -7.80
C LEU B 107 21.68 27.76 -7.82
N LEU B 108 21.62 28.69 -8.76
CA LEU B 108 20.45 29.56 -8.90
C LEU B 108 19.18 28.74 -9.08
N TRP B 109 19.23 27.75 -9.97
CA TRP B 109 18.07 26.89 -10.23
C TRP B 109 17.67 26.09 -9.00
N ALA B 110 18.64 25.47 -8.34
CA ALA B 110 18.39 24.57 -7.23
C ALA B 110 17.79 25.29 -6.03
N LEU B 111 18.09 26.58 -5.88
CA LEU B 111 17.74 27.31 -4.66
C LEU B 111 16.55 28.23 -4.82
N THR B 112 16.01 28.42 -6.03
CA THR B 112 14.93 29.38 -6.27
C THR B 112 13.68 28.71 -6.81
N SER B 113 13.42 27.49 -6.36
CA SER B 113 12.21 26.76 -6.69
C SER B 113 10.99 27.48 -6.11
N PRO B 114 9.77 27.09 -6.52
CA PRO B 114 8.59 27.88 -6.14
C PRO B 114 8.44 28.03 -4.64
N ASN B 115 8.08 29.24 -4.23
CA ASN B 115 7.84 29.61 -2.84
C ASN B 115 9.11 29.55 -1.99
N TYR B 116 10.29 29.55 -2.61
CA TYR B 116 11.52 29.52 -1.81
C TYR B 116 11.58 30.74 -0.88
N LEU B 117 12.30 30.56 0.22
CA LEU B 117 12.53 31.61 1.21
CA LEU B 117 12.53 31.63 1.18
C LEU B 117 13.99 32.06 1.16
N LYS B 118 14.21 33.37 0.99
CA LYS B 118 15.57 33.89 1.03
C LYS B 118 16.21 33.68 2.40
N THR B 119 15.39 33.66 3.47
CA THR B 119 15.90 33.45 4.82
C THR B 119 16.50 32.07 4.99
N TRP B 120 16.19 31.14 4.09
CA TRP B 120 16.68 29.77 4.18
C TRP B 120 17.96 29.56 3.38
N HIS B 121 18.57 30.63 2.88
CA HIS B 121 19.86 30.57 2.18
C HIS B 121 20.86 31.28 3.08
N ILE B 122 21.57 30.51 3.90
CA ILE B 122 22.26 31.02 5.08
C ILE B 122 23.75 30.91 4.86
N GLY B 123 24.45 32.04 4.88
CA GLY B 123 25.90 32.02 4.84
C GLY B 123 26.51 32.38 6.18
N VAL B 124 27.80 32.06 6.35
CA VAL B 124 28.60 32.49 7.48
C VAL B 124 29.85 33.14 6.93
N LYS B 125 30.12 34.37 7.36
CA LYS B 125 31.32 35.10 6.96
C LYS B 125 32.32 35.14 8.09
N TYR B 126 33.60 35.09 7.72
CA TYR B 126 34.70 35.50 8.58
C TYR B 126 34.85 37.01 8.40
N ASP B 127 34.52 37.77 9.45
CA ASP B 127 34.37 39.22 9.32
C ASP B 127 35.69 39.90 8.95
N ALA B 128 36.81 39.40 9.49
CA ALA B 128 38.10 40.07 9.26
C ALA B 128 38.43 40.14 7.77
N SER B 129 38.11 39.09 7.02
CA SER B 129 38.38 39.04 5.59
C SER B 129 37.13 39.26 4.74
N ASN B 130 35.95 39.32 5.35
CA ASN B 130 34.69 39.44 4.61
C ASN B 130 34.55 38.28 3.62
N LYS B 131 34.94 37.09 4.05
CA LYS B 131 34.94 35.92 3.19
C LYS B 131 33.89 34.92 3.67
N LEU B 132 33.19 34.32 2.72
CA LEU B 132 32.20 33.30 3.04
C LEU B 132 32.91 32.00 3.40
N ILE B 133 32.65 31.48 4.61
CA ILE B 133 33.30 30.24 5.05
C ILE B 133 32.32 29.14 5.40
N GLY B 134 31.02 29.41 5.37
CA GLY B 134 30.03 28.38 5.60
C GLY B 134 28.76 28.71 4.85
N PHE B 135 27.96 27.67 4.63
CA PHE B 135 26.69 27.80 3.91
C PHE B 135 25.81 26.62 4.28
N ILE B 136 24.50 26.87 4.32
CA ILE B 136 23.51 25.82 4.37
C ILE B 136 22.25 26.37 3.73
N SER B 137 21.46 25.50 3.11
CA SER B 137 20.27 25.96 2.42
C SER B 137 19.13 24.97 2.60
N ALA B 138 17.91 25.46 2.36
CA ALA B 138 16.71 24.62 2.29
C ALA B 138 15.71 25.25 1.33
N ILE B 139 14.88 24.41 0.73
CA ILE B 139 13.74 24.84 -0.07
C ILE B 139 12.51 24.10 0.42
N PRO B 140 11.31 24.70 0.33
CA PRO B 140 10.09 24.02 0.78
C PRO B 140 9.49 23.13 -0.29
N THR B 141 8.95 21.99 0.14
CA THR B 141 8.20 21.13 -0.77
C THR B 141 7.33 20.19 0.04
N ASP B 142 6.30 19.66 -0.62
CA ASP B 142 5.44 18.65 -0.01
C ASP B 142 6.06 17.29 -0.23
N ILE B 143 6.27 16.55 0.87
CA ILE B 143 6.90 15.23 0.82
C ILE B 143 5.87 14.22 1.28
N CYS B 144 5.66 13.18 0.48
CA CYS B 144 4.79 12.09 0.86
C CYS B 144 5.65 10.95 1.37
N ILE B 145 5.49 10.62 2.66
CA ILE B 145 6.22 9.53 3.30
C ILE B 145 5.18 8.50 3.78
N HIS B 146 5.27 7.29 3.25
CA HIS B 146 4.35 6.21 3.59
CA HIS B 146 4.35 6.21 3.60
C HIS B 146 2.90 6.67 3.48
N LYS B 147 2.60 7.34 2.36
CA LYS B 147 1.27 7.81 1.94
C LYS B 147 0.75 9.00 2.73
N ARG B 148 1.56 9.62 3.58
CA ARG B 148 1.18 10.80 4.33
C ARG B 148 1.96 11.99 3.79
N THR B 149 1.25 13.04 3.37
CA THR B 149 1.91 14.20 2.78
C THR B 149 2.12 15.30 3.82
N ILE B 150 3.37 15.71 3.96
CA ILE B 150 3.82 16.65 4.98
C ILE B 150 4.61 17.75 4.31
N LYS B 151 4.33 19.01 4.68
CA LYS B 151 5.16 20.11 4.21
C LYS B 151 6.53 20.01 4.86
N MET B 152 7.60 19.98 4.05
CA MET B 152 8.93 19.77 4.59
C MET B 152 9.91 20.79 4.01
N ALA B 153 11.04 20.94 4.70
CA ALA B 153 12.20 21.60 4.14
C ALA B 153 13.12 20.56 3.53
N GLU B 154 13.68 20.87 2.37
CA GLU B 154 14.68 20.04 1.72
CA GLU B 154 14.68 20.05 1.69
C GLU B 154 16.03 20.71 1.91
N VAL B 155 16.88 20.10 2.74
CA VAL B 155 18.14 20.72 3.14
C VAL B 155 19.27 20.22 2.25
N ASN B 156 20.13 21.14 1.83
CA ASN B 156 21.18 20.83 0.86
C ASN B 156 22.28 21.87 0.95
N PHE B 157 23.45 21.52 0.41
CA PHE B 157 24.59 22.43 0.25
C PHE B 157 25.18 22.89 1.58
N LEU B 158 25.08 22.06 2.61
CA LEU B 158 25.81 22.33 3.84
C LEU B 158 27.31 22.25 3.57
N CYS B 159 28.04 23.32 3.90
CA CYS B 159 29.46 23.36 3.59
C CYS B 159 30.19 24.22 4.62
N VAL B 160 31.28 23.71 5.15
CA VAL B 160 32.20 24.47 5.99
C VAL B 160 33.57 24.47 5.33
N HIS B 161 34.21 25.64 5.29
CA HIS B 161 35.52 25.79 4.69
C HIS B 161 36.50 24.74 5.22
N LYS B 162 37.36 24.22 4.34
CA LYS B 162 38.26 23.14 4.74
C LYS B 162 39.15 23.52 5.92
N THR B 163 39.50 24.80 6.07
CA THR B 163 40.40 25.21 7.15
C THR B 163 39.73 25.24 8.51
N LEU B 164 38.41 25.05 8.57
CA LEU B 164 37.62 25.21 9.78
C LEU B 164 36.84 23.95 10.12
N ARG B 165 37.28 22.80 9.62
CA ARG B 165 36.59 21.55 9.87
C ARG B 165 36.81 21.06 11.29
N SER B 166 35.82 20.29 11.77
CA SER B 166 35.88 19.62 13.07
C SER B 166 35.91 20.62 14.22
N LYS B 167 35.28 21.77 14.02
CA LYS B 167 35.17 22.81 15.04
C LYS B 167 33.74 22.97 15.55
N ARG B 168 32.86 22.02 15.22
CA ARG B 168 31.46 22.05 15.64
C ARG B 168 30.70 23.24 15.04
N LEU B 169 31.10 23.73 13.87
CA LEU B 169 30.31 24.75 13.19
C LEU B 169 29.06 24.16 12.53
N ALA B 170 29.14 22.92 12.04
CA ALA B 170 28.00 22.36 11.33
C ALA B 170 26.76 22.26 12.21
N PRO B 171 26.82 21.84 13.49
CA PRO B 171 25.59 21.89 14.28
C PRO B 171 25.02 23.28 14.44
N VAL B 172 25.85 24.33 14.43
CA VAL B 172 25.30 25.68 14.51
C VAL B 172 24.51 26.00 13.25
N LEU B 173 25.06 25.66 12.09
CA LEU B 173 24.35 25.89 10.84
CA LEU B 173 24.34 25.89 10.84
C LEU B 173 23.05 25.10 10.80
N ILE B 174 23.07 23.87 11.28
CA ILE B 174 21.86 23.04 11.27
C ILE B 174 20.82 23.58 12.24
N LYS B 175 21.25 24.00 13.44
CA LYS B 175 20.28 24.51 14.40
C LYS B 175 19.69 25.82 13.91
N GLU B 176 20.51 26.66 13.27
CA GLU B 176 19.98 27.93 12.80
C GLU B 176 19.01 27.75 11.64
N ILE B 177 19.30 26.85 10.69
CA ILE B 177 18.31 26.69 9.63
C ILE B 177 17.06 26.02 10.17
N THR B 178 17.20 25.13 11.16
CA THR B 178 16.01 24.53 11.78
C THR B 178 15.12 25.61 12.37
N ARG B 179 15.73 26.53 13.12
CA ARG B 179 15.00 27.64 13.72
C ARG B 179 14.24 28.42 12.65
N ARG B 180 14.92 28.76 11.56
CA ARG B 180 14.26 29.58 10.52
C ARG B 180 13.17 28.81 9.79
N ILE B 181 13.33 27.49 9.63
CA ILE B 181 12.27 26.70 9.03
C ILE B 181 11.07 26.61 9.96
N ASN B 182 11.33 26.46 11.27
CA ASN B 182 10.24 26.41 12.24
C ASN B 182 9.43 27.70 12.28
N LEU B 183 10.04 28.85 11.97
CA LEU B 183 9.30 30.11 11.92
C LEU B 183 8.30 30.16 10.78
N GLU B 184 8.37 29.20 9.84
CA GLU B 184 7.37 29.03 8.79
C GLU B 184 6.36 27.95 9.13
N ASN B 185 6.31 27.51 10.40
CA ASN B 185 5.40 26.46 10.85
C ASN B 185 5.65 25.14 10.11
N ILE B 186 6.93 24.85 9.85
CA ILE B 186 7.36 23.62 9.21
C ILE B 186 8.28 22.92 10.19
N TRP B 187 8.02 21.63 10.44
CA TRP B 187 8.63 20.91 11.55
C TRP B 187 9.30 19.63 11.12
N GLN B 188 9.37 19.38 9.82
CA GLN B 188 9.99 18.18 9.27
C GLN B 188 10.92 18.60 8.15
N ALA B 189 11.93 17.77 7.89
CA ALA B 189 12.85 18.02 6.79
C ALA B 189 13.25 16.71 6.15
N ILE B 190 13.66 16.79 4.88
CA ILE B 190 14.29 15.68 4.17
C ILE B 190 15.69 16.13 3.77
N TYR B 191 16.64 15.21 3.86
CA TYR B 191 18.01 15.51 3.50
C TYR B 191 18.70 14.21 3.14
N THR B 192 19.74 14.33 2.33
CA THR B 192 20.60 13.20 1.99
C THR B 192 22.04 13.51 2.37
N ALA B 193 22.81 12.46 2.68
CA ALA B 193 24.23 12.61 2.94
C ALA B 193 24.91 11.29 2.68
N GLY B 194 26.24 11.34 2.48
CA GLY B 194 27.03 10.14 2.35
C GLY B 194 27.42 9.56 3.70
N VAL B 195 27.67 10.45 4.67
CA VAL B 195 28.00 9.99 6.01
C VAL B 195 26.79 9.33 6.65
N TYR B 196 27.07 8.37 7.52
CA TYR B 196 26.04 7.64 8.25
C TYR B 196 25.71 8.41 9.53
N LEU B 197 24.47 8.88 9.61
CA LEU B 197 23.94 9.66 10.70
C LEU B 197 22.73 8.94 11.24
N PRO B 198 22.26 9.28 12.44
CA PRO B 198 21.00 8.70 12.93
C PRO B 198 19.81 9.36 12.24
N LYS B 199 18.97 8.60 11.51
CA LYS B 199 19.22 7.23 11.05
CA LYS B 199 19.22 7.23 11.05
C LYS B 199 18.53 7.15 9.69
N PRO B 200 19.20 6.54 8.70
CA PRO B 200 18.63 6.55 7.34
C PRO B 200 17.26 5.90 7.27
N VAL B 201 16.36 6.51 6.49
CA VAL B 201 15.13 5.82 6.10
CA VAL B 201 15.13 5.84 6.08
C VAL B 201 15.39 4.94 4.88
N SER B 202 16.42 5.24 4.09
CA SER B 202 16.84 4.36 3.00
C SER B 202 18.30 4.69 2.66
N ASP B 203 18.93 3.79 1.93
CA ASP B 203 20.36 3.88 1.57
C ASP B 203 20.52 3.38 0.15
N ALA B 204 21.01 4.24 -0.76
CA ALA B 204 21.05 3.91 -2.18
C ALA B 204 22.47 4.02 -2.71
N ARG B 205 23.02 2.89 -3.17
CA ARG B 205 24.30 2.92 -3.86
C ARG B 205 24.14 3.62 -5.20
N TYR B 206 25.21 4.24 -5.67
CA TYR B 206 25.23 4.82 -7.00
CA TYR B 206 25.19 4.80 -7.00
C TYR B 206 25.97 3.92 -7.98
N TYR B 207 25.57 4.01 -9.25
CA TYR B 207 26.12 3.24 -10.34
C TYR B 207 26.46 4.20 -11.46
N HIS B 208 27.45 3.84 -12.29
CA HIS B 208 27.92 4.71 -13.33
CA HIS B 208 27.95 4.71 -13.34
C HIS B 208 27.96 3.97 -14.66
N ARG B 209 27.62 4.68 -15.73
CA ARG B 209 27.64 4.12 -17.08
C ARG B 209 28.61 4.96 -17.91
N SER B 210 29.75 4.37 -18.24
CA SER B 210 30.77 5.10 -18.99
C SER B 210 30.27 5.53 -20.35
N ILE B 211 30.60 6.77 -20.74
CA ILE B 211 30.32 7.23 -22.10
C ILE B 211 31.64 7.53 -22.81
N ASN B 212 32.46 8.41 -22.23
CA ASN B 212 33.76 8.74 -22.80
C ASN B 212 34.81 7.90 -22.07
N VAL B 213 35.08 6.71 -22.62
CA VAL B 213 35.79 5.66 -21.92
C VAL B 213 37.25 6.05 -21.68
N LYS B 214 37.93 6.52 -22.73
CA LYS B 214 39.36 6.84 -22.60
C LYS B 214 39.60 7.83 -21.48
N LYS B 215 38.80 8.89 -21.43
CA LYS B 215 38.95 9.90 -20.38
C LYS B 215 38.75 9.29 -19.00
N LEU B 216 37.72 8.45 -18.86
CA LEU B 216 37.44 7.83 -17.56
C LEU B 216 38.59 6.94 -17.11
N ILE B 217 39.25 6.26 -18.05
CA ILE B 217 40.42 5.46 -17.68
CA ILE B 217 40.42 5.46 -17.72
C ILE B 217 41.58 6.35 -17.30
N GLU B 218 41.82 7.41 -18.07
CA GLU B 218 42.99 8.25 -17.83
C GLU B 218 42.91 8.98 -16.49
N ILE B 219 41.71 9.27 -16.00
CA ILE B 219 41.57 9.96 -14.71
C ILE B 219 41.37 8.99 -13.55
N GLY B 220 41.37 7.69 -13.82
CA GLY B 220 41.23 6.71 -12.76
C GLY B 220 39.80 6.43 -12.34
N PHE B 221 38.80 6.99 -13.03
CA PHE B 221 37.41 6.69 -12.71
C PHE B 221 37.10 5.23 -12.99
N SER B 222 37.56 4.72 -14.14
CA SER B 222 37.35 3.35 -14.58
C SER B 222 38.68 2.62 -14.71
N SER B 223 38.61 1.30 -14.82
CA SER B 223 39.80 0.46 -14.85
C SER B 223 39.81 -0.43 -16.09
N LEU B 224 41.02 -0.75 -16.53
CA LEU B 224 41.27 -1.77 -17.55
C LEU B 224 41.93 -2.97 -16.92
N ASN B 225 41.89 -4.09 -17.64
CA ASN B 225 42.63 -5.29 -17.22
C ASN B 225 43.03 -6.07 -18.47
N SER B 226 43.69 -7.21 -18.25
CA SER B 226 44.24 -7.96 -19.37
C SER B 226 43.16 -8.42 -20.35
N ARG B 227 41.95 -8.70 -19.84
CA ARG B 227 40.84 -9.03 -20.72
C ARG B 227 40.19 -7.78 -21.29
N LEU B 228 40.06 -6.73 -20.49
CA LEU B 228 39.41 -5.49 -20.94
C LEU B 228 40.49 -4.47 -21.28
N THR B 229 41.06 -4.62 -22.46
CA THR B 229 42.01 -3.65 -23.00
C THR B 229 41.30 -2.34 -23.33
N MET B 230 42.09 -1.33 -23.67
CA MET B 230 41.52 -0.02 -23.97
C MET B 230 40.54 -0.12 -25.15
N SER B 231 40.95 -0.77 -26.23
CA SER B 231 40.07 -0.83 -27.40
C SER B 231 38.82 -1.65 -27.10
N ARG B 232 38.96 -2.72 -26.32
CA ARG B 232 37.77 -3.52 -25.99
C ARG B 232 36.83 -2.76 -25.06
N ALA B 233 37.37 -1.93 -24.16
CA ALA B 233 36.50 -1.12 -23.31
C ALA B 233 35.74 -0.09 -24.12
N ILE B 234 36.42 0.59 -25.05
CA ILE B 234 35.73 1.53 -25.94
C ILE B 234 34.62 0.82 -26.71
N LYS B 235 34.90 -0.38 -27.24
CA LYS B 235 33.88 -1.12 -27.97
C LYS B 235 32.72 -1.51 -27.04
N LEU B 236 33.04 -1.94 -25.82
CA LEU B 236 32.01 -2.39 -24.90
C LEU B 236 30.98 -1.30 -24.63
N TYR B 237 31.43 -0.05 -24.48
CA TYR B 237 30.55 1.04 -24.07
C TYR B 237 30.09 1.90 -25.24
N ARG B 238 30.41 1.49 -26.47
CA ARG B 238 29.90 2.18 -27.65
C ARG B 238 28.37 2.13 -27.65
N VAL B 239 27.75 3.23 -28.03
CA VAL B 239 26.30 3.28 -28.11
C VAL B 239 25.87 3.70 -29.52
N GLU B 240 24.80 3.10 -29.98
CA GLU B 240 24.21 3.45 -31.28
C GLU B 240 23.52 4.80 -31.18
N ASP B 241 23.78 5.68 -32.16
CA ASP B 241 23.23 7.03 -32.11
C ASP B 241 21.81 7.06 -32.67
N THR B 242 20.96 6.13 -32.25
CA THR B 242 19.56 6.12 -32.66
C THR B 242 18.70 5.86 -31.43
N LEU B 243 17.68 6.68 -31.25
CA LEU B 243 16.78 6.52 -30.11
C LEU B 243 15.83 5.33 -30.30
N ASN B 244 15.53 4.66 -29.19
CA ASN B 244 14.47 3.65 -29.18
C ASN B 244 13.10 4.28 -29.32
N ILE B 245 12.94 5.47 -28.76
CA ILE B 245 11.70 6.23 -28.80
C ILE B 245 11.98 7.41 -29.71
N LYS B 246 11.61 7.26 -30.99
CA LYS B 246 12.10 8.15 -32.04
C LYS B 246 11.77 9.61 -31.79
N ASN B 247 10.63 9.89 -31.16
CA ASN B 247 10.16 11.27 -31.08
C ASN B 247 10.53 11.96 -29.77
N MET B 248 11.39 11.34 -28.96
CA MET B 248 11.88 11.98 -27.74
CA MET B 248 11.87 11.99 -27.74
C MET B 248 12.47 13.35 -28.08
N ARG B 249 11.94 14.39 -27.45
CA ARG B 249 12.36 15.74 -27.77
C ARG B 249 12.42 16.57 -26.50
N LEU B 250 13.16 17.66 -26.58
CA LEU B 250 13.24 18.56 -25.42
C LEU B 250 11.85 19.05 -25.00
N MET B 251 11.63 19.04 -23.70
CA MET B 251 10.39 19.51 -23.11
C MET B 251 10.20 21.01 -23.38
N LYS B 252 8.96 21.38 -23.66
CA LYS B 252 8.55 22.77 -23.88
C LYS B 252 7.52 23.17 -22.85
N LYS B 253 7.24 24.47 -22.76
CA LYS B 253 6.29 24.95 -21.76
C LYS B 253 4.92 24.29 -21.94
N LYS B 254 4.51 24.05 -23.19
CA LYS B 254 3.22 23.42 -23.44
C LYS B 254 3.11 22.03 -22.83
N ASP B 255 4.23 21.40 -22.49
CA ASP B 255 4.27 20.03 -21.99
C ASP B 255 4.09 19.93 -20.47
N VAL B 256 3.98 21.06 -19.76
CA VAL B 256 4.05 21.02 -18.31
C VAL B 256 2.90 20.22 -17.72
N GLU B 257 1.67 20.45 -18.21
CA GLU B 257 0.52 19.70 -17.70
C GLU B 257 0.72 18.20 -17.93
N GLY B 258 1.17 17.83 -19.13
CA GLY B 258 1.36 16.42 -19.43
C GLY B 258 2.41 15.75 -18.58
N VAL B 259 3.55 16.42 -18.38
CA VAL B 259 4.59 15.89 -17.49
C VAL B 259 4.07 15.81 -16.06
N HIS B 260 3.32 16.84 -15.63
CA HIS B 260 2.75 16.83 -14.29
C HIS B 260 1.88 15.59 -14.08
N LYS B 261 1.02 15.28 -15.07
CA LYS B 261 0.14 14.12 -14.97
C LYS B 261 0.94 12.83 -14.99
N LEU B 262 1.89 12.72 -15.93
CA LEU B 262 2.66 11.48 -16.08
C LEU B 262 3.49 11.19 -14.84
N LEU B 263 4.30 12.17 -14.42
CA LEU B 263 5.20 11.95 -13.29
C LEU B 263 4.42 11.83 -11.98
N GLY B 264 3.39 12.66 -11.81
CA GLY B 264 2.62 12.62 -10.58
C GLY B 264 1.97 11.28 -10.34
N SER B 265 1.38 10.70 -11.39
CA SER B 265 0.78 9.37 -11.26
CA SER B 265 0.78 9.37 -11.26
C SER B 265 1.85 8.33 -10.97
N TYR B 266 2.99 8.40 -11.66
CA TYR B 266 4.07 7.43 -11.52
C TYR B 266 4.62 7.42 -10.09
N LEU B 267 4.77 8.59 -9.49
CA LEU B 267 5.47 8.66 -8.22
C LEU B 267 4.65 8.13 -7.06
N GLU B 268 3.32 8.04 -7.19
CA GLU B 268 2.48 7.62 -6.08
C GLU B 268 2.80 6.20 -5.60
N GLN B 269 3.46 5.38 -6.42
CA GLN B 269 3.77 4.02 -6.00
C GLN B 269 4.88 3.96 -4.95
N PHE B 270 5.60 5.04 -4.72
CA PHE B 270 6.79 4.96 -3.89
C PHE B 270 6.48 5.33 -2.44
N ASN B 271 7.37 4.92 -1.54
CA ASN B 271 7.25 5.20 -0.11
C ASN B 271 7.73 6.60 0.27
N LEU B 272 8.42 7.29 -0.64
CA LEU B 272 8.98 8.60 -0.36
C LEU B 272 9.09 9.36 -1.68
N TYR B 273 8.33 10.45 -1.80
CA TYR B 273 8.43 11.24 -3.02
C TYR B 273 7.93 12.65 -2.75
N ALA B 274 8.28 13.57 -3.64
CA ALA B 274 7.73 14.91 -3.61
C ALA B 274 6.43 14.96 -4.38
N VAL B 275 5.43 15.65 -3.81
CA VAL B 275 4.14 15.84 -4.48
C VAL B 275 4.24 17.16 -5.23
N PHE B 276 4.67 17.09 -6.49
CA PHE B 276 4.97 18.29 -7.25
C PHE B 276 3.69 19.00 -7.67
N THR B 277 3.67 20.32 -7.49
CA THR B 277 2.67 21.16 -8.13
C THR B 277 3.04 21.39 -9.60
N LYS B 278 2.08 21.97 -10.34
CA LYS B 278 2.37 22.33 -11.72
C LYS B 278 3.52 23.33 -11.81
N GLU B 279 3.54 24.31 -10.89
CA GLU B 279 4.63 25.28 -10.86
C GLU B 279 5.96 24.59 -10.57
N GLU B 280 5.96 23.59 -9.70
CA GLU B 280 7.18 22.86 -9.44
C GLU B 280 7.62 22.04 -10.64
N ILE B 281 6.68 21.46 -11.40
CA ILE B 281 7.07 20.73 -12.59
C ILE B 281 7.74 21.66 -13.58
N ALA B 282 7.17 22.85 -13.78
CA ALA B 282 7.79 23.81 -14.70
C ALA B 282 9.19 24.18 -14.24
N HIS B 283 9.37 24.41 -12.94
CA HIS B 283 10.69 24.79 -12.44
C HIS B 283 11.70 23.65 -12.55
N TRP B 284 11.33 22.47 -12.08
CA TRP B 284 12.33 21.41 -11.98
C TRP B 284 12.63 20.74 -13.31
N PHE B 285 11.78 20.90 -14.33
CA PHE B 285 11.97 20.11 -15.53
C PHE B 285 12.16 20.90 -16.81
N LEU B 286 11.69 22.15 -16.91
CA LEU B 286 11.88 22.85 -18.18
C LEU B 286 13.37 23.06 -18.43
N PRO B 287 13.86 22.75 -19.63
CA PRO B 287 15.31 22.59 -19.81
C PRO B 287 16.07 23.90 -19.69
N ILE B 288 17.23 23.81 -19.06
CA ILE B 288 18.20 24.89 -18.95
C ILE B 288 19.56 24.31 -19.34
N GLU B 289 20.16 24.87 -20.39
CA GLU B 289 21.41 24.30 -20.89
C GLU B 289 22.46 24.26 -19.79
N ASN B 290 23.18 23.14 -19.72
CA ASN B 290 24.22 22.88 -18.73
C ASN B 290 23.68 22.80 -17.31
N VAL B 291 22.37 22.60 -17.14
CA VAL B 291 21.76 22.50 -15.82
C VAL B 291 20.81 21.31 -15.77
N ILE B 292 19.67 21.42 -16.47
CA ILE B 292 18.64 20.39 -16.41
C ILE B 292 18.16 20.08 -17.83
N TYR B 293 18.07 18.79 -18.14
CA TYR B 293 17.68 18.28 -19.45
C TYR B 293 16.47 17.39 -19.25
N THR B 294 15.35 17.73 -19.91
CA THR B 294 14.16 16.88 -19.88
C THR B 294 13.69 16.66 -21.30
N TYR B 295 13.43 15.41 -21.63
CA TYR B 295 12.91 15.02 -22.93
C TYR B 295 11.58 14.33 -22.75
N VAL B 296 10.66 14.54 -23.69
CA VAL B 296 9.33 13.95 -23.63
C VAL B 296 8.99 13.27 -24.95
N ASN B 297 8.10 12.28 -24.86
CA ASN B 297 7.52 11.64 -26.03
C ASN B 297 6.03 11.94 -26.02
N GLU B 298 5.59 12.73 -27.00
CA GLU B 298 4.18 13.10 -27.15
C GLU B 298 3.54 12.24 -28.23
N GLU B 299 2.45 11.57 -27.88
CA GLU B 299 1.76 10.66 -28.77
C GLU B 299 0.27 10.93 -28.66
N ASN B 300 -0.38 11.22 -29.78
CA ASN B 300 -1.83 11.45 -29.82
CA ASN B 300 -1.83 11.44 -29.81
C ASN B 300 -2.26 12.48 -28.78
N GLY B 301 -1.48 13.56 -28.66
CA GLY B 301 -1.79 14.66 -27.76
C GLY B 301 -1.33 14.51 -26.32
N LYS B 302 -0.77 13.36 -25.93
CA LYS B 302 -0.46 13.07 -24.54
C LYS B 302 1.03 12.85 -24.33
N ILE B 303 1.54 13.30 -23.19
CA ILE B 303 2.93 12.99 -22.83
C ILE B 303 2.95 11.59 -22.22
N LYS B 304 3.60 10.65 -22.92
CA LYS B 304 3.57 9.25 -22.51
C LYS B 304 4.88 8.71 -21.97
N ASP B 305 5.99 9.39 -22.21
CA ASP B 305 7.29 9.00 -21.70
C ASP B 305 8.09 10.26 -21.39
N MET B 306 8.99 10.15 -20.40
CA MET B 306 9.88 11.28 -20.10
C MET B 306 11.22 10.77 -19.63
N ILE B 307 12.26 11.54 -19.95
CA ILE B 307 13.63 11.33 -19.51
C ILE B 307 14.13 12.65 -18.93
N SER B 308 14.80 12.59 -17.78
CA SER B 308 15.43 13.81 -17.30
C SER B 308 16.74 13.48 -16.60
N PHE B 309 17.70 14.38 -16.73
CA PHE B 309 18.97 14.28 -16.02
C PHE B 309 19.54 15.67 -15.85
N TYR B 310 20.33 15.85 -14.80
CA TYR B 310 20.92 17.15 -14.54
C TYR B 310 22.44 17.07 -14.67
N SER B 311 23.04 18.24 -14.87
CA SER B 311 24.48 18.36 -15.10
C SER B 311 25.17 18.69 -13.80
N LEU B 312 26.07 17.81 -13.34
CA LEU B 312 26.86 18.06 -12.13
C LEU B 312 28.29 17.65 -12.42
N PRO B 313 29.13 18.60 -12.82
CA PRO B 313 30.55 18.29 -13.03
C PRO B 313 31.25 18.04 -11.71
N SER B 314 32.30 17.23 -11.76
CA SER B 314 33.24 17.11 -10.66
C SER B 314 34.60 17.60 -11.10
N GLN B 315 35.17 18.51 -10.32
CA GLN B 315 36.56 18.89 -10.52
C GLN B 315 37.44 17.68 -10.26
N ILE B 316 38.39 17.46 -11.15
CA ILE B 316 39.33 16.36 -11.01
C ILE B 316 40.56 16.92 -10.32
N LEU B 317 40.84 16.43 -9.12
CA LEU B 317 41.86 17.06 -8.29
C LEU B 317 43.24 16.58 -8.74
N GLY B 318 44.10 17.54 -9.10
CA GLY B 318 45.47 17.24 -9.45
C GLY B 318 45.68 16.36 -10.68
N ASN B 319 44.87 16.53 -11.72
CA ASN B 319 45.09 15.89 -13.00
C ASN B 319 45.55 16.94 -14.00
N ASP B 320 46.71 16.69 -14.63
CA ASP B 320 47.29 17.69 -15.52
C ASP B 320 46.47 17.84 -16.80
N LYS B 321 45.90 16.73 -17.30
CA LYS B 321 45.25 16.74 -18.60
C LYS B 321 43.79 17.19 -18.55
N TYR B 322 43.03 16.70 -17.57
CA TYR B 322 41.60 16.95 -17.48
C TYR B 322 41.31 17.70 -16.20
N SER B 323 40.55 18.79 -16.31
CA SER B 323 40.17 19.56 -15.14
C SER B 323 38.83 19.13 -14.59
N THR B 324 37.95 18.60 -15.42
CA THR B 324 36.55 18.43 -15.10
C THR B 324 36.02 17.12 -15.65
N LEU B 325 35.31 16.38 -14.80
CA LEU B 325 34.50 15.24 -15.22
C LEU B 325 33.07 15.74 -15.48
N ASN B 326 32.61 15.64 -16.72
CA ASN B 326 31.27 16.13 -17.07
C ASN B 326 30.28 14.99 -16.93
N ALA B 327 29.58 14.97 -15.81
CA ALA B 327 28.68 13.88 -15.46
C ALA B 327 27.21 14.32 -15.58
N ALA B 328 26.39 13.45 -16.16
CA ALA B 328 24.95 13.57 -16.15
C ALA B 328 24.38 12.68 -15.05
N TYR B 329 23.41 13.21 -14.31
CA TYR B 329 22.81 12.51 -13.18
C TYR B 329 21.35 12.22 -13.49
N SER B 330 20.99 10.94 -13.51
CA SER B 330 19.60 10.52 -13.70
C SER B 330 18.70 11.19 -12.67
N PHE B 331 17.57 11.74 -13.16
CA PHE B 331 16.66 12.52 -12.32
C PHE B 331 15.35 11.74 -12.23
N TYR B 332 14.38 12.04 -13.10
CA TYR B 332 13.13 11.27 -13.15
C TYR B 332 12.87 10.76 -14.56
N ASN B 333 12.60 9.47 -14.66
CA ASN B 333 12.35 8.81 -15.94
C ASN B 333 11.11 7.94 -15.82
N VAL B 334 10.20 8.05 -16.80
CA VAL B 334 8.93 7.32 -16.80
C VAL B 334 8.66 6.85 -18.22
N THR B 335 8.32 5.57 -18.39
CA THR B 335 7.92 5.10 -19.72
C THR B 335 6.60 4.37 -19.65
N THR B 336 5.70 4.69 -20.60
CA THR B 336 4.52 3.87 -20.81
C THR B 336 4.44 3.26 -22.21
N THR B 337 5.33 3.62 -23.14
CA THR B 337 5.29 3.03 -24.48
C THR B 337 6.51 2.16 -24.81
N ALA B 338 7.46 2.03 -23.89
CA ALA B 338 8.67 1.26 -24.13
C ALA B 338 8.98 0.49 -22.86
N THR B 339 10.05 -0.32 -22.89
CA THR B 339 10.51 -0.88 -21.62
C THR B 339 11.38 0.14 -20.90
N PHE B 340 11.47 -0.03 -19.57
CA PHE B 340 12.33 0.88 -18.81
C PHE B 340 13.78 0.78 -19.28
N LYS B 341 14.20 -0.41 -19.71
CA LYS B 341 15.56 -0.55 -20.24
C LYS B 341 15.72 0.27 -21.52
N GLN B 342 14.75 0.19 -22.44
CA GLN B 342 14.81 1.02 -23.64
C GLN B 342 14.84 2.49 -23.28
N LEU B 343 14.05 2.89 -22.29
CA LEU B 343 13.99 4.30 -21.90
C LEU B 343 15.34 4.77 -21.36
N MET B 344 15.95 3.97 -20.48
CA MET B 344 17.22 4.38 -19.88
C MET B 344 18.36 4.29 -20.89
N GLN B 345 18.25 3.39 -21.88
CA GLN B 345 19.19 3.42 -22.98
C GLN B 345 19.12 4.74 -23.75
N ASP B 346 17.89 5.22 -24.01
CA ASP B 346 17.76 6.53 -24.64
C ASP B 346 18.27 7.64 -23.73
N ALA B 347 18.13 7.50 -22.41
CA ALA B 347 18.66 8.52 -21.52
C ALA B 347 20.18 8.61 -21.65
N ILE B 348 20.86 7.46 -21.69
CA ILE B 348 22.30 7.43 -21.89
C ILE B 348 22.67 8.07 -23.23
N LEU B 349 21.94 7.73 -24.29
CA LEU B 349 22.23 8.31 -25.60
C LEU B 349 22.06 9.83 -25.57
N LEU B 350 20.98 10.31 -24.95
CA LEU B 350 20.76 11.75 -24.90
C LEU B 350 21.85 12.44 -24.06
N ALA B 351 22.34 11.78 -23.01
CA ALA B 351 23.48 12.33 -22.27
C ALA B 351 24.72 12.36 -23.16
N LYS B 352 24.97 11.30 -23.92
CA LYS B 352 26.10 11.32 -24.84
C LYS B 352 25.98 12.45 -25.85
N ARG B 353 24.78 12.64 -26.42
CA ARG B 353 24.58 13.69 -27.41
C ARG B 353 24.83 15.07 -26.83
N ASN B 354 24.68 15.24 -25.53
CA ASN B 354 24.93 16.52 -24.88
C ASN B 354 26.31 16.61 -24.23
N ASN B 355 27.25 15.75 -24.66
CA ASN B 355 28.68 15.88 -24.38
CA ASN B 355 28.68 15.85 -24.38
C ASN B 355 29.06 15.44 -22.96
N PHE B 356 28.27 14.59 -22.34
CA PHE B 356 28.60 14.12 -21.00
C PHE B 356 29.54 12.91 -21.06
N ASP B 357 30.44 12.83 -20.08
CA ASP B 357 31.44 11.77 -20.02
C ASP B 357 30.92 10.48 -19.38
N VAL B 358 29.89 10.58 -18.56
CA VAL B 358 29.42 9.45 -17.78
C VAL B 358 27.99 9.75 -17.38
N PHE B 359 27.21 8.69 -17.17
CA PHE B 359 25.82 8.80 -16.74
C PHE B 359 25.71 8.11 -15.38
N ASN B 360 25.34 8.87 -14.36
CA ASN B 360 25.32 8.40 -12.98
C ASN B 360 23.88 8.25 -12.50
N ALA B 361 23.61 7.17 -11.75
CA ALA B 361 22.26 6.92 -11.28
C ALA B 361 22.31 6.23 -9.92
N LEU B 362 21.30 6.50 -9.11
CA LEU B 362 21.13 5.79 -7.85
C LEU B 362 20.22 4.58 -8.06
N GLU B 363 20.37 3.59 -7.19
CA GLU B 363 19.50 2.41 -7.21
C GLU B 363 18.14 2.72 -6.61
N VAL B 364 17.52 3.81 -7.03
CA VAL B 364 16.19 4.20 -6.56
C VAL B 364 15.18 3.95 -7.68
N MET B 365 13.90 4.06 -7.34
CA MET B 365 12.79 3.80 -8.29
C MET B 365 13.06 2.46 -8.98
N GLN B 366 12.94 2.37 -10.31
CA GLN B 366 13.17 1.12 -11.05
C GLN B 366 14.60 1.00 -11.58
N ASN B 367 15.52 1.87 -11.15
CA ASN B 367 16.81 1.98 -11.83
C ASN B 367 17.64 0.70 -11.74
N LYS B 368 17.64 0.04 -10.59
CA LYS B 368 18.55 -1.09 -10.41
CA LYS B 368 18.54 -1.11 -10.39
C LYS B 368 18.29 -2.19 -11.44
N SER B 369 17.03 -2.36 -11.84
CA SER B 369 16.68 -3.43 -12.79
C SER B 369 17.37 -3.31 -14.13
N VAL B 370 17.86 -2.13 -14.51
CA VAL B 370 18.50 -1.96 -15.81
C VAL B 370 20.01 -1.85 -15.74
N PHE B 371 20.61 -1.83 -14.54
CA PHE B 371 22.04 -1.52 -14.44
C PHE B 371 22.89 -2.60 -15.10
N GLU B 372 22.57 -3.87 -14.90
CA GLU B 372 23.42 -4.92 -15.46
C GLU B 372 23.37 -4.91 -16.99
N ASP B 373 22.16 -4.94 -17.55
CA ASP B 373 22.03 -5.03 -19.00
C ASP B 373 22.55 -3.78 -19.71
N LEU B 374 22.47 -2.61 -19.06
CA LEU B 374 22.94 -1.38 -19.69
C LEU B 374 24.39 -1.07 -19.33
N LYS B 375 25.11 -2.04 -18.75
CA LYS B 375 26.56 -1.96 -18.55
C LYS B 375 26.96 -0.87 -17.54
N PHE B 376 26.12 -0.65 -16.53
CA PHE B 376 26.51 0.19 -15.39
C PHE B 376 27.47 -0.57 -14.50
N GLY B 377 28.34 0.17 -13.82
CA GLY B 377 29.23 -0.37 -12.81
C GLY B 377 28.88 0.21 -11.46
N GLU B 378 29.01 -0.62 -10.41
CA GLU B 378 28.72 -0.19 -9.06
C GLU B 378 29.78 0.79 -8.58
N GLY B 379 29.34 1.95 -8.08
CA GLY B 379 30.23 2.90 -7.46
C GLY B 379 30.66 2.45 -6.07
N ASP B 380 31.57 3.22 -5.47
CA ASP B 380 32.23 2.81 -4.23
C ASP B 380 31.54 3.31 -2.98
N GLU B 381 30.38 3.94 -3.09
CA GLU B 381 29.78 4.61 -1.95
CA GLU B 381 29.78 4.57 -1.94
C GLU B 381 28.30 4.78 -2.20
N SER B 382 27.56 5.13 -1.14
CA SER B 382 26.11 5.25 -1.22
C SER B 382 25.63 6.56 -0.63
N LEU B 383 24.40 6.91 -1.00
CA LEU B 383 23.74 8.12 -0.53
C LEU B 383 22.60 7.71 0.38
N LYS B 384 22.63 8.21 1.61
CA LYS B 384 21.62 7.89 2.62
C LYS B 384 20.53 8.95 2.62
N TYR B 385 19.28 8.52 2.73
CA TYR B 385 18.11 9.38 2.83
C TYR B 385 17.69 9.48 4.28
N TYR B 386 17.39 10.71 4.73
CA TYR B 386 17.01 10.98 6.10
C TYR B 386 15.78 11.85 6.18
N LEU B 387 15.03 11.68 7.26
CA LEU B 387 13.98 12.61 7.64
C LEU B 387 14.29 13.17 9.01
N TYR B 388 13.90 14.43 9.21
CA TYR B 388 14.05 15.10 10.50
C TYR B 388 12.68 15.18 11.17
N ASN B 389 12.63 14.78 12.45
CA ASN B 389 11.40 14.77 13.25
C ASN B 389 10.32 13.90 12.62
N TRP B 390 10.71 12.69 12.22
CA TRP B 390 9.77 11.75 11.64
C TRP B 390 10.22 10.34 11.94
N LYS B 391 9.27 9.56 12.45
CA LYS B 391 9.47 8.17 12.86
CA LYS B 391 9.55 8.18 12.77
C LYS B 391 8.67 7.28 11.91
N CYS B 392 9.34 6.33 11.26
CA CYS B 392 8.66 5.45 10.32
C CYS B 392 9.59 4.28 10.02
N ALA B 393 9.01 3.26 9.38
CA ALA B 393 9.81 2.13 8.94
C ALA B 393 10.75 2.53 7.81
N SER B 394 11.98 2.00 7.84
CA SER B 394 12.90 2.20 6.73
C SER B 394 12.49 1.29 5.57
N PHE B 395 13.13 1.49 4.41
CA PHE B 395 12.75 0.69 3.26
C PHE B 395 13.92 0.59 2.27
N ALA B 396 13.87 -0.45 1.44
CA ALA B 396 14.83 -0.59 0.37
C ALA B 396 14.75 0.59 -0.60
N PRO B 397 15.85 0.91 -1.28
CA PRO B 397 15.87 2.12 -2.14
C PRO B 397 14.98 2.02 -3.37
N ALA B 398 14.58 0.82 -3.79
CA ALA B 398 13.61 0.70 -4.87
C ALA B 398 12.29 1.38 -4.51
N HIS B 399 12.02 1.58 -3.21
CA HIS B 399 10.83 2.28 -2.77
C HIS B 399 11.04 3.78 -2.61
N VAL B 400 12.26 4.27 -2.89
CA VAL B 400 12.54 5.70 -2.89
C VAL B 400 12.13 6.29 -4.24
N GLY B 401 11.36 7.36 -4.19
CA GLY B 401 10.91 8.03 -5.42
C GLY B 401 11.26 9.50 -5.46
N ILE B 402 12.39 9.89 -4.86
CA ILE B 402 12.83 11.27 -4.88
C ILE B 402 14.33 11.32 -5.06
N VAL B 403 14.80 12.30 -5.83
CA VAL B 403 16.23 12.56 -6.06
C VAL B 403 16.52 13.99 -5.64
N LEU B 404 17.40 14.16 -4.66
CA LEU B 404 17.89 15.46 -4.24
C LEU B 404 19.17 15.81 -4.99
N LEU B 405 19.37 17.08 -5.26
CA LEU B 405 20.42 17.52 -6.16
C LEU B 405 21.81 17.41 -5.55
N PRO C 21 -33.47 -13.94 -2.87
CA PRO C 21 -33.90 -12.70 -3.53
C PRO C 21 -33.05 -12.39 -4.76
N ASP C 22 -33.70 -11.98 -5.84
CA ASP C 22 -33.02 -11.71 -7.10
C ASP C 22 -32.31 -10.36 -7.12
N TYR C 23 -32.82 -9.37 -6.40
CA TYR C 23 -32.29 -8.00 -6.45
C TYR C 23 -32.17 -7.47 -7.88
N LYS C 24 -33.26 -7.59 -8.64
CA LYS C 24 -33.20 -7.28 -10.07
C LYS C 24 -32.93 -5.80 -10.32
N PHE C 25 -33.43 -4.92 -9.46
CA PHE C 25 -33.04 -3.52 -9.58
C PHE C 25 -31.64 -3.29 -9.01
N TRP C 26 -31.41 -3.73 -7.77
CA TRP C 26 -30.18 -3.32 -7.11
C TRP C 26 -28.95 -3.86 -7.83
N TYR C 27 -29.04 -5.02 -8.46
CA TYR C 27 -27.85 -5.55 -9.13
CA TYR C 27 -27.90 -5.60 -9.18
C TYR C 27 -27.53 -4.83 -10.44
N THR C 28 -28.41 -3.93 -10.91
CA THR C 28 -28.03 -3.06 -12.02
C THR C 28 -27.23 -1.85 -11.55
N GLN C 29 -27.08 -1.69 -10.25
CA GLN C 29 -26.50 -0.50 -9.66
C GLN C 29 -25.08 -0.75 -9.21
N PRO C 30 -24.25 0.30 -9.10
CA PRO C 30 -22.87 0.13 -8.59
C PRO C 30 -22.83 -0.03 -7.06
N VAL C 31 -23.24 -1.21 -6.61
CA VAL C 31 -23.20 -1.59 -5.20
C VAL C 31 -22.71 -3.03 -5.14
N PRO C 32 -22.21 -3.47 -3.97
CA PRO C 32 -21.71 -4.85 -3.87
C PRO C 32 -22.82 -5.86 -4.11
N LYS C 33 -22.42 -7.04 -4.62
CA LYS C 33 -23.33 -8.16 -4.61
C LYS C 33 -23.51 -8.66 -3.18
N ILE C 34 -24.60 -9.40 -2.94
CA ILE C 34 -24.99 -9.69 -1.57
C ILE C 34 -23.98 -10.57 -0.83
N ASN C 35 -23.12 -11.30 -1.54
CA ASN C 35 -22.12 -12.16 -0.92
C ASN C 35 -20.72 -11.56 -0.95
N ASP C 36 -20.57 -10.35 -1.47
CA ASP C 36 -19.26 -9.74 -1.66
C ASP C 36 -18.62 -9.36 -0.34
N GLU C 37 -17.31 -9.62 -0.24
CA GLU C 37 -16.50 -9.12 0.86
C GLU C 37 -15.23 -8.51 0.28
N PHE C 38 -14.70 -7.49 0.96
CA PHE C 38 -13.55 -6.75 0.47
C PHE C 38 -12.50 -6.65 1.55
N ASN C 39 -11.24 -6.74 1.15
CA ASN C 39 -10.21 -6.69 2.18
C ASN C 39 -9.97 -5.24 2.62
N GLU C 40 -9.12 -5.07 3.63
CA GLU C 40 -8.95 -3.76 4.26
C GLU C 40 -8.31 -2.74 3.33
N SER C 41 -7.60 -3.19 2.28
CA SER C 41 -6.94 -2.27 1.37
C SER C 41 -7.87 -1.68 0.31
N VAL C 42 -9.10 -2.17 0.20
CA VAL C 42 -10.03 -1.70 -0.81
C VAL C 42 -10.82 -0.53 -0.26
N ASN C 43 -10.79 0.60 -0.95
CA ASN C 43 -11.53 1.77 -0.50
C ASN C 43 -11.68 2.72 -1.68
N GLU C 44 -12.65 2.48 -2.56
CA GLU C 44 -12.67 3.17 -3.84
C GLU C 44 -14.05 3.02 -4.47
N PRO C 45 -14.37 3.82 -5.49
CA PRO C 45 -15.63 3.64 -6.21
C PRO C 45 -15.67 2.33 -6.98
N PHE C 46 -16.89 1.86 -7.23
CA PHE C 46 -17.06 0.85 -8.26
C PHE C 46 -16.81 1.42 -9.65
N ILE C 47 -17.30 2.64 -9.89
CA ILE C 47 -17.23 3.30 -11.18
C ILE C 47 -16.62 4.67 -10.97
N SER C 48 -15.43 4.89 -11.55
CA SER C 48 -14.72 6.15 -11.47
CA SER C 48 -14.74 6.17 -11.48
C SER C 48 -14.78 6.87 -12.83
N ASP C 49 -14.20 8.06 -12.88
CA ASP C 49 -14.09 8.84 -14.11
C ASP C 49 -15.46 9.15 -14.72
N ASN C 50 -16.43 9.41 -13.83
CA ASN C 50 -17.75 9.83 -14.25
C ASN C 50 -17.71 11.25 -14.79
N LYS C 51 -18.65 11.58 -15.68
CA LYS C 51 -18.67 12.87 -16.36
C LYS C 51 -20.05 13.48 -16.23
N VAL C 52 -20.12 14.68 -15.65
CA VAL C 52 -21.40 15.41 -15.60
C VAL C 52 -21.99 15.58 -16.99
N GLU C 53 -21.14 15.80 -17.99
CA GLU C 53 -21.65 16.06 -19.33
CA GLU C 53 -21.58 16.03 -19.37
C GLU C 53 -22.42 14.88 -19.90
N ASP C 54 -22.18 13.66 -19.41
CA ASP C 54 -22.84 12.49 -19.94
C ASP C 54 -24.11 12.11 -19.18
N VAL C 55 -24.39 12.78 -18.06
CA VAL C 55 -25.56 12.42 -17.25
C VAL C 55 -26.83 12.69 -18.04
N ARG C 56 -27.81 11.79 -17.90
CA ARG C 56 -29.11 11.99 -18.52
C ARG C 56 -29.70 13.34 -18.11
N LYS C 57 -30.12 14.13 -19.09
CA LYS C 57 -30.70 15.42 -18.77
C LYS C 57 -32.23 15.37 -18.71
N ASP C 58 -32.83 14.23 -19.04
CA ASP C 58 -34.27 14.02 -19.01
C ASP C 58 -34.70 13.36 -17.71
N GLU C 59 -35.82 13.82 -17.14
CA GLU C 59 -36.38 13.17 -15.97
C GLU C 59 -36.85 11.75 -16.31
N TYR C 60 -36.69 10.83 -15.35
CA TYR C 60 -37.17 9.48 -15.58
C TYR C 60 -38.68 9.47 -15.77
N LYS C 61 -39.15 8.49 -16.52
CA LYS C 61 -40.56 8.43 -16.89
C LYS C 61 -41.39 7.84 -15.74
N LEU C 62 -42.54 8.43 -15.52
CA LEU C 62 -43.51 7.97 -14.55
C LEU C 62 -44.73 7.40 -15.25
N PRO C 63 -45.53 6.59 -14.56
CA PRO C 63 -46.77 6.05 -15.17
C PRO C 63 -47.74 7.16 -15.51
N PRO C 64 -48.69 6.89 -16.41
CA PRO C 64 -49.64 7.93 -16.84
C PRO C 64 -50.41 8.50 -15.66
N GLY C 65 -50.49 9.83 -15.62
CA GLY C 65 -51.20 10.51 -14.56
C GLY C 65 -50.35 10.93 -13.39
N TYR C 66 -49.08 10.55 -13.36
CA TYR C 66 -48.17 10.93 -12.30
C TYR C 66 -47.12 11.90 -12.81
N SER C 67 -46.71 12.83 -11.96
CA SER C 67 -45.78 13.88 -12.37
CA SER C 67 -45.76 13.87 -12.37
C SER C 67 -44.75 14.14 -11.27
N TRP C 68 -43.55 14.49 -11.69
CA TRP C 68 -42.54 15.00 -10.76
C TRP C 68 -42.99 16.35 -10.22
N TYR C 69 -42.66 16.61 -8.97
CA TYR C 69 -43.02 17.85 -8.31
C TYR C 69 -41.80 18.42 -7.60
N VAL C 70 -41.58 19.72 -7.76
CA VAL C 70 -40.49 20.40 -7.07
C VAL C 70 -40.99 20.81 -5.70
N CYS C 71 -40.60 20.07 -4.67
CA CYS C 71 -41.02 20.39 -3.30
C CYS C 71 -40.18 21.53 -2.75
N ASP C 72 -40.84 22.60 -2.31
CA ASP C 72 -40.17 23.73 -1.67
C ASP C 72 -40.41 23.59 -0.16
N VAL C 73 -39.44 22.99 0.53
CA VAL C 73 -39.65 22.68 1.94
CA VAL C 73 -39.61 22.69 1.95
C VAL C 73 -39.74 23.94 2.78
N LYS C 74 -39.26 25.09 2.30
CA LYS C 74 -39.43 26.33 3.07
C LYS C 74 -40.82 26.93 2.88
N ASP C 75 -41.61 26.41 1.95
CA ASP C 75 -43.00 26.80 1.77
C ASP C 75 -43.87 25.98 2.70
N GLU C 76 -44.69 26.67 3.50
CA GLU C 76 -45.51 25.97 4.51
CA GLU C 76 -45.52 25.98 4.50
C GLU C 76 -46.42 24.94 3.86
N LYS C 77 -47.03 25.29 2.72
CA LYS C 77 -47.97 24.36 2.08
C LYS C 77 -47.25 23.13 1.56
N ASP C 78 -46.15 23.33 0.83
CA ASP C 78 -45.39 22.19 0.33
C ASP C 78 -44.90 21.32 1.47
N ARG C 79 -44.45 21.95 2.56
CA ARG C 79 -43.93 21.19 3.68
C ARG C 79 -45.04 20.41 4.37
N SER C 80 -46.24 20.99 4.47
CA SER C 80 -47.35 20.26 5.06
CA SER C 80 -47.37 20.27 5.05
C SER C 80 -47.74 19.06 4.21
N GLU C 81 -47.60 19.16 2.88
CA GLU C 81 -47.90 18.01 2.02
C GLU C 81 -46.92 16.87 2.26
N ILE C 82 -45.63 17.17 2.39
CA ILE C 82 -44.65 16.14 2.73
C ILE C 82 -44.99 15.54 4.09
N TYR C 83 -45.27 16.42 5.06
CA TYR C 83 -45.62 15.97 6.40
C TYR C 83 -46.75 14.94 6.37
N THR C 84 -47.82 15.24 5.64
CA THR C 84 -48.97 14.35 5.62
C THR C 84 -48.65 13.05 4.89
N LEU C 85 -47.93 13.13 3.76
CA LEU C 85 -47.51 11.91 3.07
C LEU C 85 -46.78 10.97 4.02
N LEU C 86 -45.78 11.49 4.74
CA LEU C 86 -44.98 10.64 5.61
C LEU C 86 -45.78 10.19 6.84
N THR C 87 -46.56 11.09 7.45
CA THR C 87 -47.38 10.68 8.59
C THR C 87 -48.25 9.47 8.26
N ASP C 88 -48.81 9.44 7.05
CA ASP C 88 -49.73 8.36 6.70
C ASP C 88 -49.05 7.16 6.08
N ASN C 89 -47.83 7.31 5.55
CA ASN C 89 -47.29 6.28 4.68
C ASN C 89 -45.83 5.91 4.91
N TYR C 90 -45.17 6.47 5.93
CA TYR C 90 -43.72 6.26 6.07
C TYR C 90 -43.44 5.02 6.91
N VAL C 91 -42.28 5.00 7.57
CA VAL C 91 -41.73 3.77 8.14
C VAL C 91 -42.58 3.26 9.29
N GLU C 92 -42.87 1.95 9.28
CA GLU C 92 -43.45 1.24 10.41
C GLU C 92 -42.45 0.20 10.92
N ASP C 93 -42.60 -0.15 12.19
CA ASP C 93 -41.84 -1.29 12.71
C ASP C 93 -42.33 -2.58 12.08
N ASP C 94 -41.58 -3.66 12.29
CA ASP C 94 -41.91 -4.92 11.64
C ASP C 94 -43.26 -5.47 12.09
N ASP C 95 -43.71 -5.11 13.29
CA ASP C 95 -44.99 -5.57 13.81
C ASP C 95 -46.12 -4.56 13.57
N ASN C 96 -45.86 -3.47 12.83
CA ASN C 96 -46.87 -2.48 12.48
C ASN C 96 -47.57 -1.91 13.71
N ILE C 97 -46.79 -1.76 14.79
CA ILE C 97 -47.28 -1.14 16.02
C ILE C 97 -47.18 0.38 15.93
N PHE C 98 -46.16 0.86 15.22
CA PHE C 98 -45.77 2.26 15.19
C PHE C 98 -45.55 2.71 13.75
N ARG C 99 -45.78 4.00 13.51
CA ARG C 99 -45.36 4.63 12.27
CA ARG C 99 -45.37 4.64 12.26
C ARG C 99 -44.72 5.97 12.62
N PHE C 100 -43.53 6.22 12.07
CA PHE C 100 -42.87 7.49 12.37
C PHE C 100 -43.77 8.67 12.02
N ASN C 101 -43.68 9.72 12.84
CA ASN C 101 -44.47 10.93 12.68
C ASN C 101 -43.54 12.14 12.78
N TYR C 102 -42.60 12.24 11.83
CA TYR C 102 -41.72 13.40 11.75
C TYR C 102 -42.55 14.68 11.67
N SER C 103 -42.23 15.67 12.49
CA SER C 103 -42.99 16.91 12.47
C SER C 103 -42.59 17.77 11.27
N ALA C 104 -43.48 18.69 10.92
CA ALA C 104 -43.17 19.62 9.83
C ALA C 104 -41.91 20.42 10.14
N GLU C 105 -41.71 20.82 11.41
CA GLU C 105 -40.52 21.58 11.78
C GLU C 105 -39.27 20.70 11.70
N PHE C 106 -39.40 19.44 12.08
CA PHE C 106 -38.29 18.51 11.94
C PHE C 106 -37.88 18.39 10.48
N LEU C 107 -38.86 18.24 9.58
CA LEU C 107 -38.55 18.06 8.17
C LEU C 107 -37.84 19.28 7.60
N LEU C 108 -38.26 20.48 8.02
CA LEU C 108 -37.58 21.69 7.59
C LEU C 108 -36.11 21.67 8.01
N TRP C 109 -35.84 21.34 9.27
CA TRP C 109 -34.48 21.23 9.76
C TRP C 109 -33.69 20.16 9.02
N ALA C 110 -34.29 18.98 8.84
CA ALA C 110 -33.57 17.85 8.27
C ALA C 110 -33.18 18.10 6.82
N LEU C 111 -33.94 18.93 6.12
CA LEU C 111 -33.79 19.04 4.68
C LEU C 111 -33.10 20.32 4.22
N THR C 112 -32.85 21.28 5.12
CA THR C 112 -32.29 22.57 4.71
C THR C 112 -30.93 22.83 5.37
N SER C 113 -30.13 21.77 5.50
CA SER C 113 -28.79 21.88 6.03
C SER C 113 -27.91 22.69 5.07
N PRO C 114 -26.71 23.10 5.49
CA PRO C 114 -25.91 23.99 4.65
C PRO C 114 -25.68 23.45 3.24
N ASN C 115 -25.87 24.33 2.26
CA ASN C 115 -25.64 24.05 0.85
C ASN C 115 -26.60 23.01 0.27
N TYR C 116 -27.75 22.82 0.93
CA TYR C 116 -28.76 21.93 0.40
C TYR C 116 -29.22 22.37 -0.99
N LEU C 117 -29.69 21.41 -1.77
CA LEU C 117 -30.19 21.65 -3.11
C LEU C 117 -31.68 21.41 -3.15
N LYS C 118 -32.42 22.43 -3.62
CA LYS C 118 -33.86 22.26 -3.77
C LYS C 118 -34.19 21.19 -4.79
N THR C 119 -33.30 20.96 -5.76
CA THR C 119 -33.48 19.91 -6.76
C THR C 119 -33.50 18.51 -6.15
N TRP C 120 -32.96 18.35 -4.95
CA TRP C 120 -32.86 17.06 -4.30
C TRP C 120 -34.01 16.78 -3.36
N HIS C 121 -35.05 17.62 -3.35
CA HIS C 121 -36.28 17.42 -2.59
C HIS C 121 -37.38 17.09 -3.61
N ILE C 122 -37.58 15.79 -3.84
CA ILE C 122 -38.28 15.31 -5.03
C ILE C 122 -39.62 14.72 -4.61
N GLY C 123 -40.70 15.32 -5.10
CA GLY C 123 -42.01 14.73 -4.93
C GLY C 123 -42.55 14.09 -6.20
N VAL C 124 -43.53 13.20 -6.04
CA VAL C 124 -44.33 12.71 -7.14
C VAL C 124 -45.79 12.99 -6.79
N LYS C 125 -46.50 13.63 -7.70
CA LYS C 125 -47.91 13.90 -7.50
C LYS C 125 -48.76 13.03 -8.41
N TYR C 126 -49.98 12.73 -7.94
CA TYR C 126 -51.03 12.20 -8.80
C TYR C 126 -51.80 13.38 -9.38
N ASP C 127 -51.81 13.52 -10.71
CA ASP C 127 -52.43 14.70 -11.31
C ASP C 127 -53.92 14.77 -11.00
N ALA C 128 -54.59 13.62 -10.87
CA ALA C 128 -56.03 13.60 -10.64
C ALA C 128 -56.41 14.29 -9.33
N SER C 129 -55.57 14.16 -8.32
CA SER C 129 -55.87 14.61 -6.97
C SER C 129 -55.02 15.78 -6.51
N ASN C 130 -53.94 16.08 -7.22
CA ASN C 130 -52.96 17.07 -6.76
C ASN C 130 -52.37 16.69 -5.40
N LYS C 131 -52.25 15.39 -5.13
CA LYS C 131 -51.74 14.94 -3.85
C LYS C 131 -50.41 14.26 -4.05
N LEU C 132 -49.49 14.50 -3.11
CA LEU C 132 -48.21 13.79 -3.11
CA LEU C 132 -48.22 13.80 -3.11
C LEU C 132 -48.45 12.31 -2.86
N ILE C 133 -47.88 11.47 -3.70
CA ILE C 133 -47.93 10.03 -3.49
C ILE C 133 -46.53 9.43 -3.37
N GLY C 134 -45.49 10.25 -3.50
CA GLY C 134 -44.13 9.75 -3.42
C GLY C 134 -43.19 10.88 -3.07
N PHE C 135 -42.07 10.53 -2.45
CA PHE C 135 -41.07 11.50 -2.02
C PHE C 135 -39.74 10.79 -1.88
N ILE C 136 -38.67 11.52 -2.17
CA ILE C 136 -37.31 11.10 -1.85
C ILE C 136 -36.47 12.36 -1.70
N SER C 137 -35.47 12.30 -0.84
CA SER C 137 -34.66 13.50 -0.59
C SER C 137 -33.20 13.14 -0.40
N ALA C 138 -32.36 14.15 -0.57
CA ALA C 138 -30.95 14.01 -0.24
C ALA C 138 -30.43 15.38 0.19
N ILE C 139 -29.39 15.35 1.02
CA ILE C 139 -28.66 16.57 1.39
C ILE C 139 -27.17 16.29 1.19
N PRO C 140 -26.36 17.29 0.85
CA PRO C 140 -24.92 17.06 0.62
C PRO C 140 -24.11 17.11 1.90
N THR C 141 -23.08 16.26 1.96
CA THR C 141 -22.17 16.34 3.09
C THR C 141 -20.88 15.61 2.73
N ASP C 142 -19.80 15.97 3.42
CA ASP C 142 -18.52 15.28 3.26
C ASP C 142 -18.52 14.08 4.19
N ILE C 143 -18.34 12.89 3.62
CA ILE C 143 -18.33 11.64 4.38
C ILE C 143 -16.92 11.09 4.37
N CYS C 144 -16.39 10.79 5.54
CA CYS C 144 -15.08 10.14 5.66
C CYS C 144 -15.32 8.65 5.83
N ILE C 145 -14.95 7.86 4.81
CA ILE C 145 -15.07 6.41 4.87
C ILE C 145 -13.66 5.82 4.84
N HIS C 146 -13.31 5.06 5.87
CA HIS C 146 -11.97 4.47 6.03
C HIS C 146 -10.89 5.51 5.77
N LYS C 147 -11.06 6.68 6.40
N LYS C 147 -11.05 6.67 6.40
CA LYS C 147 -10.11 7.78 6.43
CA LYS C 147 -10.10 7.78 6.43
C LYS C 147 -9.98 8.52 5.10
C LYS C 147 -10.00 8.53 5.10
N ARG C 148 -10.89 8.27 4.15
CA ARG C 148 -10.91 8.97 2.88
C ARG C 148 -12.19 9.80 2.79
N THR C 149 -12.06 11.10 2.58
CA THR C 149 -13.20 12.01 2.60
C THR C 149 -13.74 12.24 1.19
N ILE C 150 -15.03 11.99 1.01
CA ILE C 150 -15.70 12.02 -0.29
C ILE C 150 -16.95 12.87 -0.13
N LYS C 151 -17.20 13.77 -1.08
CA LYS C 151 -18.47 14.49 -1.10
C LYS C 151 -19.59 13.53 -1.50
N MET C 152 -20.61 13.42 -0.65
CA MET C 152 -21.68 12.46 -0.87
C MET C 152 -23.05 13.11 -0.73
N ALA C 153 -24.04 12.43 -1.28
CA ALA C 153 -25.43 12.71 -0.96
C ALA C 153 -25.89 11.81 0.17
N GLU C 154 -26.65 12.37 1.10
CA GLU C 154 -27.27 11.64 2.21
CA GLU C 154 -27.25 11.61 2.19
C GLU C 154 -28.73 11.45 1.87
N VAL C 155 -29.13 10.22 1.55
CA VAL C 155 -30.49 9.96 1.03
C VAL C 155 -31.39 9.50 2.16
N ASN C 156 -32.59 10.10 2.22
CA ASN C 156 -33.52 9.85 3.31
C ASN C 156 -34.94 10.15 2.83
N PHE C 157 -35.92 9.69 3.62
CA PHE C 157 -37.34 10.01 3.45
C PHE C 157 -37.92 9.47 2.15
N LEU C 158 -37.37 8.36 1.66
CA LEU C 158 -37.99 7.65 0.54
C LEU C 158 -39.34 7.10 0.97
N CYS C 159 -40.39 7.48 0.25
CA CYS C 159 -41.73 7.06 0.64
C CYS C 159 -42.61 6.93 -0.59
N VAL C 160 -43.35 5.82 -0.68
CA VAL C 160 -44.39 5.63 -1.67
C VAL C 160 -45.69 5.37 -0.94
N HIS C 161 -46.76 6.04 -1.37
CA HIS C 161 -48.09 5.86 -0.79
C HIS C 161 -48.44 4.38 -0.65
N LYS C 162 -49.12 4.05 0.47
CA LYS C 162 -49.49 2.66 0.73
C LYS C 162 -50.28 2.01 -0.39
N THR C 163 -51.11 2.78 -1.11
CA THR C 163 -51.93 2.20 -2.18
C THR C 163 -51.15 1.92 -3.45
N LEU C 164 -49.89 2.36 -3.53
CA LEU C 164 -49.08 2.21 -4.74
C LEU C 164 -47.85 1.36 -4.50
N ARG C 165 -47.90 0.45 -3.51
CA ARG C 165 -46.73 -0.34 -3.16
C ARG C 165 -46.54 -1.52 -4.12
N SER C 166 -45.28 -1.94 -4.24
CA SER C 166 -44.88 -3.08 -5.06
C SER C 166 -45.21 -2.88 -6.53
N LYS C 167 -45.14 -1.63 -7.00
CA LYS C 167 -45.35 -1.29 -8.40
C LYS C 167 -44.07 -0.81 -9.06
N ARG C 168 -42.91 -1.03 -8.42
CA ARG C 168 -41.60 -0.62 -8.93
C ARG C 168 -41.49 0.90 -9.08
N LEU C 169 -42.22 1.66 -8.26
CA LEU C 169 -42.02 3.10 -8.21
C LEU C 169 -40.76 3.49 -7.46
N ALA C 170 -40.35 2.72 -6.45
CA ALA C 170 -39.16 3.12 -5.69
C ALA C 170 -37.91 3.20 -6.55
N PRO C 171 -37.63 2.25 -7.45
CA PRO C 171 -36.45 2.42 -8.32
C PRO C 171 -36.53 3.64 -9.22
N VAL C 172 -37.73 4.09 -9.60
CA VAL C 172 -37.84 5.34 -10.37
C VAL C 172 -37.38 6.52 -9.53
N LEU C 173 -37.87 6.59 -8.28
CA LEU C 173 -37.44 7.67 -7.39
CA LEU C 173 -37.44 7.67 -7.39
C LEU C 173 -35.94 7.63 -7.14
N ILE C 174 -35.39 6.42 -6.96
CA ILE C 174 -33.96 6.28 -6.69
C ILE C 174 -33.14 6.70 -7.89
N LYS C 175 -33.54 6.25 -9.09
CA LYS C 175 -32.80 6.61 -10.29
C LYS C 175 -32.88 8.10 -10.56
N GLU C 176 -34.05 8.72 -10.32
CA GLU C 176 -34.19 10.15 -10.59
C GLU C 176 -33.34 10.99 -9.62
N ILE C 177 -33.32 10.63 -8.33
CA ILE C 177 -32.46 11.41 -7.44
C ILE C 177 -30.99 11.16 -7.75
N THR C 178 -30.62 9.93 -8.14
CA THR C 178 -29.24 9.67 -8.56
C THR C 178 -28.84 10.60 -9.69
N ARG C 179 -29.70 10.69 -10.71
CA ARG C 179 -29.46 11.60 -11.84
C ARG C 179 -29.19 13.02 -11.36
N ARG C 180 -30.05 13.54 -10.48
CA ARG C 180 -29.94 14.93 -10.06
C ARG C 180 -28.72 15.15 -9.17
N ILE C 181 -28.31 14.13 -8.42
CA ILE C 181 -27.09 14.22 -7.62
C ILE C 181 -25.87 14.20 -8.53
N ASN C 182 -25.92 13.39 -9.58
CA ASN C 182 -24.81 13.33 -10.51
C ASN C 182 -24.62 14.65 -11.24
N LEU C 183 -25.68 15.43 -11.45
CA LEU C 183 -25.53 16.74 -12.07
C LEU C 183 -24.77 17.72 -11.19
N GLU C 184 -24.55 17.38 -9.92
CA GLU C 184 -23.68 18.13 -9.03
C GLU C 184 -22.27 17.56 -8.96
N ASN C 185 -21.91 16.67 -9.89
CA ASN C 185 -20.61 16.01 -9.90
C ASN C 185 -20.35 15.24 -8.61
N ILE C 186 -21.42 14.63 -8.08
CA ILE C 186 -21.37 13.78 -6.89
C ILE C 186 -21.80 12.39 -7.31
N TRP C 187 -20.99 11.39 -6.94
CA TRP C 187 -21.12 10.05 -7.50
C TRP C 187 -21.20 8.98 -6.42
N GLN C 188 -21.23 9.39 -5.15
CA GLN C 188 -21.38 8.50 -4.01
C GLN C 188 -22.54 8.97 -3.15
N ALA C 189 -23.12 8.04 -2.40
CA ALA C 189 -24.16 8.39 -1.45
C ALA C 189 -24.06 7.49 -0.22
N ILE C 190 -24.61 7.98 0.87
CA ILE C 190 -24.77 7.21 2.10
C ILE C 190 -26.27 7.13 2.39
N TYR C 191 -26.72 5.97 2.84
CA TYR C 191 -28.14 5.81 3.17
C TYR C 191 -28.26 4.71 4.20
N THR C 192 -29.36 4.76 4.96
CA THR C 192 -29.70 3.72 5.91
C THR C 192 -31.09 3.19 5.59
N ALA C 193 -31.31 1.93 5.96
CA ALA C 193 -32.62 1.31 5.81
C ALA C 193 -32.70 0.12 6.75
N GLY C 194 -33.93 -0.31 7.06
CA GLY C 194 -34.13 -1.52 7.83
C GLY C 194 -34.11 -2.78 6.99
N VAL C 195 -34.57 -2.68 5.73
CA VAL C 195 -34.52 -3.84 4.85
C VAL C 195 -33.07 -4.17 4.53
N TYR C 196 -32.83 -5.47 4.26
CA TYR C 196 -31.51 -6.00 3.93
C TYR C 196 -31.34 -5.94 2.42
N LEU C 197 -30.43 -5.09 1.97
CA LEU C 197 -30.18 -4.79 0.56
C LEU C 197 -28.71 -5.03 0.27
N PRO C 198 -28.32 -5.09 -1.00
CA PRO C 198 -26.89 -5.22 -1.32
C PRO C 198 -26.18 -3.87 -1.17
N LYS C 199 -25.18 -3.78 -0.30
CA LYS C 199 -24.85 -4.70 0.81
C LYS C 199 -24.40 -3.79 1.94
N PRO C 200 -24.80 -4.06 3.20
CA PRO C 200 -24.45 -3.13 4.27
C PRO C 200 -22.94 -3.00 4.45
N VAL C 201 -22.50 -1.77 4.68
CA VAL C 201 -21.15 -1.59 5.20
CA VAL C 201 -21.14 -1.57 5.20
C VAL C 201 -21.12 -1.75 6.72
N SER C 202 -22.28 -1.64 7.38
CA SER C 202 -22.38 -1.93 8.80
C SER C 202 -23.84 -2.15 9.15
N ASP C 203 -24.08 -2.85 10.25
CA ASP C 203 -25.42 -3.12 10.75
C ASP C 203 -25.46 -2.75 12.22
N ALA C 204 -26.49 -1.97 12.63
CA ALA C 204 -26.58 -1.50 14.01
C ALA C 204 -27.96 -1.83 14.59
N ARG C 205 -27.97 -2.72 15.58
CA ARG C 205 -29.17 -2.93 16.38
C ARG C 205 -29.53 -1.66 17.13
N TYR C 206 -30.83 -1.46 17.34
CA TYR C 206 -31.30 -0.35 18.17
CA TYR C 206 -31.27 -0.36 18.18
C TYR C 206 -31.75 -0.89 19.53
N TYR C 207 -31.68 -0.01 20.53
CA TYR C 207 -31.96 -0.33 21.92
C TYR C 207 -32.80 0.80 22.50
N HIS C 208 -33.56 0.49 23.54
CA HIS C 208 -34.48 1.46 24.11
CA HIS C 208 -34.51 1.44 24.11
C HIS C 208 -34.35 1.48 25.62
N ARG C 209 -34.35 2.70 26.18
CA ARG C 209 -34.42 2.90 27.62
CA ARG C 209 -34.41 2.91 27.62
C ARG C 209 -35.79 3.47 27.94
N SER C 210 -36.61 2.69 28.64
CA SER C 210 -37.95 3.13 28.98
C SER C 210 -37.90 4.25 30.00
N ILE C 211 -38.67 5.31 29.77
CA ILE C 211 -38.81 6.41 30.73
C ILE C 211 -40.22 6.44 31.32
N ASN C 212 -41.23 6.56 30.46
CA ASN C 212 -42.64 6.53 30.89
C ASN C 212 -43.07 5.06 30.88
N VAL C 213 -42.70 4.35 31.94
CA VAL C 213 -42.83 2.89 31.97
C VAL C 213 -44.30 2.49 31.83
N LYS C 214 -45.18 3.15 32.56
CA LYS C 214 -46.60 2.77 32.53
C LYS C 214 -47.15 2.82 31.12
N LYS C 215 -46.91 3.94 30.41
CA LYS C 215 -47.41 4.08 29.06
C LYS C 215 -46.84 3.01 28.14
N LEU C 216 -45.53 2.75 28.25
CA LEU C 216 -44.88 1.80 27.36
C LEU C 216 -45.44 0.40 27.56
N ILE C 217 -45.79 0.03 28.79
CA ILE C 217 -46.43 -1.25 29.03
C ILE C 217 -47.81 -1.29 28.37
N GLU C 218 -48.60 -0.23 28.52
CA GLU C 218 -49.96 -0.23 27.99
C GLU C 218 -49.97 -0.39 26.47
N ILE C 219 -49.02 0.25 25.77
CA ILE C 219 -49.05 0.24 24.31
C ILE C 219 -48.32 -0.97 23.73
N GLY C 220 -47.82 -1.86 24.56
CA GLY C 220 -47.13 -3.05 24.08
C GLY C 220 -45.80 -2.78 23.42
N PHE C 221 -45.04 -1.82 23.95
CA PHE C 221 -43.75 -1.45 23.38
C PHE C 221 -42.72 -2.56 23.60
N ALA C 233 -38.80 -4.07 37.16
CA ALA C 233 -39.41 -3.03 36.34
C ALA C 233 -39.68 -1.77 37.18
N ILE C 234 -39.44 -1.88 38.49
CA ILE C 234 -39.49 -0.72 39.37
C ILE C 234 -38.16 0.02 39.39
N LYS C 235 -37.07 -0.62 38.96
CA LYS C 235 -35.82 0.10 38.78
C LYS C 235 -35.89 1.07 37.61
N LEU C 236 -36.79 0.83 36.65
CA LEU C 236 -36.94 1.74 35.51
C LEU C 236 -37.70 3.00 35.91
N TYR C 237 -38.68 2.88 36.81
CA TYR C 237 -39.46 4.03 37.21
C TYR C 237 -38.61 5.09 37.89
N ARG C 238 -37.66 4.68 38.73
CA ARG C 238 -36.89 5.61 39.54
C ARG C 238 -35.69 6.12 38.75
N VAL C 239 -35.67 7.43 38.51
CA VAL C 239 -34.56 8.12 37.87
C VAL C 239 -34.22 9.32 38.77
N GLU C 240 -33.00 9.37 39.28
CA GLU C 240 -32.61 10.51 40.11
C GLU C 240 -32.53 11.77 39.28
N ASP C 241 -33.26 12.80 39.70
CA ASP C 241 -33.35 14.06 38.96
C ASP C 241 -32.13 14.95 39.24
N THR C 242 -30.94 14.37 39.21
CA THR C 242 -29.71 15.14 39.40
C THR C 242 -28.67 14.70 38.38
N LEU C 243 -28.10 15.68 37.68
CA LEU C 243 -27.08 15.42 36.66
C LEU C 243 -25.76 15.02 37.29
N ASN C 244 -25.08 14.05 36.65
CA ASN C 244 -23.70 13.74 36.99
C ASN C 244 -22.78 14.90 36.65
N ILE C 245 -23.07 15.58 35.53
CA ILE C 245 -22.27 16.70 35.07
C ILE C 245 -23.09 17.96 35.33
N LYS C 246 -22.83 18.61 36.47
CA LYS C 246 -23.78 19.56 37.04
C LYS C 246 -24.07 20.72 36.10
N ASN C 247 -23.11 21.15 35.28
CA ASN C 247 -23.27 22.37 34.51
C ASN C 247 -23.75 22.12 33.08
N MET C 248 -24.15 20.90 32.76
CA MET C 248 -24.71 20.59 31.45
CA MET C 248 -24.72 20.60 31.44
C MET C 248 -25.89 21.52 31.16
N ARG C 249 -25.82 22.24 30.04
CA ARG C 249 -26.79 23.29 29.72
C ARG C 249 -27.05 23.35 28.23
N LEU C 250 -28.20 23.90 27.85
CA LEU C 250 -28.51 24.01 26.43
C LEU C 250 -27.43 24.78 25.68
N MET C 251 -27.09 24.26 24.51
CA MET C 251 -26.11 24.88 23.64
C MET C 251 -26.59 26.25 23.16
N LYS C 252 -25.66 27.19 23.11
CA LYS C 252 -25.89 28.55 22.62
CA LYS C 252 -25.89 28.55 22.62
C LYS C 252 -25.01 28.83 21.42
N LYS C 253 -25.32 29.90 20.70
CA LYS C 253 -24.56 30.21 19.48
C LYS C 253 -23.07 30.37 19.78
N LYS C 254 -22.72 30.96 20.92
CA LYS C 254 -21.32 31.13 21.29
C LYS C 254 -20.59 29.80 21.42
N ASP C 255 -21.29 28.67 21.55
CA ASP C 255 -20.67 27.37 21.76
C ASP C 255 -20.31 26.64 20.46
N VAL C 256 -20.63 27.20 19.29
CA VAL C 256 -20.48 26.46 18.04
C VAL C 256 -19.02 26.06 17.82
N GLU C 257 -18.10 27.01 18.00
CA GLU C 257 -16.68 26.70 17.79
C GLU C 257 -16.22 25.58 18.70
N GLY C 258 -16.59 25.63 19.99
CA GLY C 258 -16.17 24.59 20.91
C GLY C 258 -16.77 23.24 20.59
N VAL C 259 -18.05 23.21 20.19
CA VAL C 259 -18.66 21.95 19.79
C VAL C 259 -17.98 21.42 18.52
N HIS C 260 -17.70 22.32 17.57
CA HIS C 260 -17.00 21.91 16.35
C HIS C 260 -15.67 21.24 16.68
N LYS C 261 -14.90 21.82 17.61
CA LYS C 261 -13.61 21.23 17.97
C LYS C 261 -13.80 19.92 18.71
N LEU C 262 -14.73 19.87 19.66
CA LEU C 262 -14.89 18.67 20.46
C LEU C 262 -15.39 17.51 19.62
N LEU C 263 -16.48 17.74 18.87
CA LEU C 263 -17.07 16.66 18.08
C LEU C 263 -16.20 16.32 16.88
N GLY C 264 -15.66 17.34 16.22
CA GLY C 264 -14.80 17.08 15.07
C GLY C 264 -13.62 16.20 15.40
N SER C 265 -12.96 16.46 16.53
CA SER C 265 -11.83 15.61 16.95
C SER C 265 -12.32 14.22 17.34
N TYR C 266 -13.45 14.14 18.03
CA TYR C 266 -13.99 12.85 18.47
C TYR C 266 -14.28 11.94 17.29
N LEU C 267 -14.87 12.48 16.23
CA LEU C 267 -15.34 11.63 15.14
C LEU C 267 -14.21 11.05 14.29
N GLU C 268 -13.00 11.62 14.38
CA GLU C 268 -11.92 11.14 13.52
C GLU C 268 -11.55 9.68 13.77
N GLN C 269 -11.92 9.13 14.94
CA GLN C 269 -11.57 7.75 15.26
C GLN C 269 -12.41 6.73 14.51
N PHE C 270 -13.52 7.12 13.91
CA PHE C 270 -14.45 6.14 13.37
C PHE C 270 -14.16 5.88 11.90
N ASN C 271 -14.73 4.78 11.40
CA ASN C 271 -14.54 4.35 10.03
C ASN C 271 -15.52 5.01 9.08
N LEU C 272 -16.52 5.70 9.61
CA LEU C 272 -17.58 6.32 8.80
C LEU C 272 -18.14 7.47 9.61
N TYR C 273 -17.99 8.68 9.10
CA TYR C 273 -18.51 9.84 9.82
C TYR C 273 -18.60 11.00 8.85
N ALA C 274 -19.44 11.97 9.20
CA ALA C 274 -19.51 13.22 8.46
C ALA C 274 -18.43 14.17 8.96
N VAL C 275 -17.78 14.86 8.02
CA VAL C 275 -16.77 15.88 8.35
C VAL C 275 -17.51 17.21 8.39
N PHE C 276 -17.96 17.59 9.58
CA PHE C 276 -18.79 18.78 9.75
C PHE C 276 -17.99 20.06 9.64
N THR C 277 -18.50 21.02 8.87
CA THR C 277 -18.01 22.39 8.94
C THR C 277 -18.62 23.10 10.14
N LYS C 278 -18.06 24.27 10.46
CA LYS C 278 -18.65 25.10 11.52
C LYS C 278 -20.11 25.39 11.23
N GLU C 279 -20.43 25.68 9.96
CA GLU C 279 -21.81 25.97 9.60
C GLU C 279 -22.69 24.75 9.80
N GLU C 280 -22.17 23.56 9.51
CA GLU C 280 -22.94 22.35 9.75
C GLU C 280 -23.12 22.07 11.24
N ILE C 281 -22.13 22.42 12.07
CA ILE C 281 -22.31 22.26 13.50
C ILE C 281 -23.45 23.15 14.00
N ALA C 282 -23.46 24.41 13.55
CA ALA C 282 -24.52 25.31 13.97
C ALA C 282 -25.88 24.76 13.54
N HIS C 283 -25.98 24.27 12.30
CA HIS C 283 -27.26 23.75 11.82
C HIS C 283 -27.70 22.51 12.59
N TRP C 284 -26.80 21.53 12.73
CA TRP C 284 -27.24 20.25 13.24
C TRP C 284 -27.40 20.22 14.75
N PHE C 285 -26.85 21.20 15.47
CA PHE C 285 -26.82 21.10 16.91
C PHE C 285 -27.47 22.25 17.66
N LEU C 286 -27.57 23.44 17.11
CA LEU C 286 -28.17 24.50 17.89
C LEU C 286 -29.63 24.13 18.17
N PRO C 287 -30.09 24.24 19.42
CA PRO C 287 -31.38 23.65 19.81
C PRO C 287 -32.57 24.27 19.11
N ILE C 288 -33.52 23.39 18.74
CA ILE C 288 -34.83 23.77 18.22
C ILE C 288 -35.85 22.95 18.99
N GLU C 289 -36.74 23.61 19.73
CA GLU C 289 -37.72 22.90 20.56
C GLU C 289 -38.45 21.83 19.76
N ASN C 290 -38.55 20.64 20.35
CA ASN C 290 -39.30 19.51 19.76
C ASN C 290 -38.67 19.04 18.46
N VAL C 291 -37.37 19.34 18.25
CA VAL C 291 -36.67 18.85 17.08
C VAL C 291 -35.29 18.34 17.48
N ILE C 292 -34.40 19.23 17.94
CA ILE C 292 -33.04 18.86 18.27
C ILE C 292 -32.66 19.49 19.61
N TYR C 293 -32.09 18.67 20.49
CA TYR C 293 -31.67 19.08 21.83
C TYR C 293 -30.18 18.83 21.93
N THR C 294 -29.41 19.88 22.20
CA THR C 294 -27.99 19.75 22.43
C THR C 294 -27.64 20.44 23.74
N TYR C 295 -26.89 19.72 24.59
CA TYR C 295 -26.43 20.24 25.86
C TYR C 295 -24.90 20.18 25.89
N VAL C 296 -24.28 21.17 26.55
CA VAL C 296 -22.83 21.27 26.62
C VAL C 296 -22.39 21.50 28.06
N ASN C 297 -21.16 21.09 28.35
CA ASN C 297 -20.50 21.38 29.61
C ASN C 297 -19.31 22.26 29.29
N GLU C 298 -19.38 23.52 29.72
CA GLU C 298 -18.32 24.49 29.49
C GLU C 298 -17.49 24.58 30.77
N GLU C 299 -16.19 24.35 30.65
CA GLU C 299 -15.29 24.35 31.78
C GLU C 299 -14.05 25.15 31.40
N ASN C 300 -13.82 26.26 32.10
CA ASN C 300 -12.65 27.10 31.89
C ASN C 300 -12.55 27.54 30.42
N GLY C 301 -13.67 28.00 29.88
CA GLY C 301 -13.73 28.52 28.52
C GLY C 301 -13.86 27.49 27.42
N LYS C 302 -13.74 26.20 27.72
CA LYS C 302 -13.75 25.16 26.69
C LYS C 302 -14.99 24.28 26.83
N ILE C 303 -15.54 23.86 25.70
CA ILE C 303 -16.61 22.87 25.67
C ILE C 303 -15.97 21.49 25.81
N LYS C 304 -16.22 20.82 26.93
CA LYS C 304 -15.56 19.56 27.24
C LYS C 304 -16.45 18.33 27.15
N ASP C 305 -17.78 18.50 27.15
CA ASP C 305 -18.71 17.39 27.06
C ASP C 305 -19.93 17.87 26.28
N MET C 306 -20.59 16.97 25.56
CA MET C 306 -21.84 17.34 24.90
C MET C 306 -22.76 16.13 24.86
N ILE C 307 -24.06 16.43 24.88
CA ILE C 307 -25.14 15.46 24.76
C ILE C 307 -26.06 15.99 23.67
N SER C 308 -26.51 15.12 22.77
CA SER C 308 -27.55 15.56 21.84
C SER C 308 -28.49 14.42 21.52
N PHE C 309 -29.76 14.78 21.32
CA PHE C 309 -30.78 13.84 20.88
C PHE C 309 -31.83 14.59 20.11
N TYR C 310 -32.48 13.91 19.18
CA TYR C 310 -33.54 14.52 18.40
C TYR C 310 -34.89 13.90 18.73
N SER C 311 -35.94 14.65 18.44
CA SER C 311 -37.30 14.27 18.78
C SER C 311 -38.00 13.69 17.56
N LEU C 312 -38.40 12.42 17.66
CA LEU C 312 -39.07 11.72 16.55
C LEU C 312 -40.24 10.95 17.14
N PRO C 313 -41.44 11.51 17.10
CA PRO C 313 -42.61 10.77 17.57
C PRO C 313 -42.96 9.64 16.63
N SER C 314 -43.59 8.60 17.19
CA SER C 314 -44.24 7.55 16.40
C SER C 314 -45.72 7.53 16.72
N GLN C 315 -46.53 7.51 15.67
CA GLN C 315 -47.95 7.26 15.83
C GLN C 315 -48.14 5.84 16.35
N ILE C 316 -49.02 5.69 17.34
CA ILE C 316 -49.34 4.38 17.88
C ILE C 316 -50.56 3.88 17.13
N LEU C 317 -50.36 2.93 16.22
CA LEU C 317 -51.40 2.58 15.26
C LEU C 317 -52.52 1.81 15.92
N GLY C 318 -53.76 2.18 15.61
CA GLY C 318 -54.92 1.48 16.10
C GLY C 318 -55.20 1.63 17.58
N ASN C 319 -54.39 2.39 18.30
CA ASN C 319 -54.54 2.54 19.74
C ASN C 319 -55.42 3.76 20.03
N ASP C 320 -56.56 3.53 20.67
CA ASP C 320 -57.52 4.59 20.96
C ASP C 320 -57.28 5.27 22.30
N LYS C 321 -56.32 4.79 23.08
CA LYS C 321 -56.00 5.37 24.39
C LYS C 321 -54.78 6.28 24.35
N TYR C 322 -53.75 5.90 23.60
CA TYR C 322 -52.58 6.74 23.37
C TYR C 322 -52.39 6.88 21.87
N SER C 323 -52.19 8.11 21.42
CA SER C 323 -52.03 8.36 19.99
CA SER C 323 -52.03 8.36 19.99
C SER C 323 -50.58 8.43 19.54
N THR C 324 -49.68 8.89 20.40
CA THR C 324 -48.31 9.18 20.01
C THR C 324 -47.32 8.69 21.05
N LEU C 325 -46.27 8.04 20.57
CA LEU C 325 -45.08 7.74 21.38
C LEU C 325 -44.08 8.89 21.20
N ASN C 326 -43.76 9.57 22.29
CA ASN C 326 -42.83 10.69 22.23
C ASN C 326 -41.43 10.19 22.55
N ALA C 327 -40.59 10.07 21.54
CA ALA C 327 -39.32 9.39 21.66
C ALA C 327 -38.15 10.33 21.36
N ALA C 328 -37.10 10.18 22.15
CA ALA C 328 -35.84 10.87 21.94
C ALA C 328 -34.84 9.89 21.36
N TYR C 329 -34.10 10.34 20.36
CA TYR C 329 -33.12 9.51 19.66
C TYR C 329 -31.72 10.06 19.90
N SER C 330 -30.86 9.23 20.49
CA SER C 330 -29.46 9.61 20.70
C SER C 330 -28.83 10.05 19.38
N PHE C 331 -28.08 11.16 19.42
CA PHE C 331 -27.51 11.74 18.21
C PHE C 331 -26.00 11.66 18.36
N TYR C 332 -25.35 12.69 18.89
CA TYR C 332 -23.91 12.65 19.12
C TYR C 332 -23.62 13.02 20.57
N ASN C 333 -22.83 12.18 21.25
CA ASN C 333 -22.51 12.36 22.66
C ASN C 333 -21.01 12.18 22.85
N VAL C 334 -20.38 13.13 23.53
CA VAL C 334 -18.94 13.11 23.75
C VAL C 334 -18.66 13.55 25.18
N THR C 335 -17.80 12.81 25.88
CA THR C 335 -17.38 13.24 27.20
C THR C 335 -15.87 13.16 27.33
N THR C 336 -15.29 14.22 27.90
CA THR C 336 -13.88 14.22 28.29
C THR C 336 -13.69 14.48 29.78
N THR C 337 -14.74 14.75 30.54
CA THR C 337 -14.60 14.96 31.99
C THR C 337 -15.32 13.91 32.82
N ALA C 338 -16.06 12.99 32.20
CA ALA C 338 -16.79 11.95 32.91
C ALA C 338 -16.64 10.62 32.17
N THR C 339 -17.26 9.58 32.70
CA THR C 339 -17.34 8.33 31.96
C THR C 339 -18.47 8.41 30.94
N PHE C 340 -18.39 7.58 29.90
CA PHE C 340 -19.47 7.58 28.93
C PHE C 340 -20.77 7.15 29.55
N LYS C 341 -20.72 6.23 30.52
CA LYS C 341 -21.92 5.81 31.24
C LYS C 341 -22.56 6.98 31.99
N GLN C 342 -21.75 7.78 32.68
CA GLN C 342 -22.28 8.96 33.37
C GLN C 342 -22.88 9.96 32.39
N LEU C 343 -22.25 10.13 31.23
CA LEU C 343 -22.76 11.05 30.22
C LEU C 343 -24.11 10.58 29.69
N MET C 344 -24.22 9.29 29.36
CA MET C 344 -25.49 8.82 28.79
C MET C 344 -26.57 8.73 29.85
N GLN C 345 -26.19 8.54 31.12
CA GLN C 345 -27.16 8.65 32.20
C GLN C 345 -27.75 10.06 32.25
N ASP C 346 -26.89 11.08 32.08
CA ASP C 346 -27.40 12.45 32.01
C ASP C 346 -28.26 12.66 30.76
N ALA C 347 -27.92 12.02 29.63
CA ALA C 347 -28.74 12.15 28.44
C ALA C 347 -30.15 11.61 28.70
N ILE C 348 -30.25 10.44 29.35
CA ILE C 348 -31.56 9.89 29.70
C ILE C 348 -32.31 10.84 30.62
N LEU C 349 -31.63 11.42 31.61
CA LEU C 349 -32.29 12.37 32.51
C LEU C 349 -32.78 13.60 31.77
N LEU C 350 -31.96 14.16 30.88
CA LEU C 350 -32.40 15.33 30.13
C LEU C 350 -33.58 14.98 29.21
N ALA C 351 -33.57 13.77 28.63
CA ALA C 351 -34.75 13.36 27.85
C ALA C 351 -35.97 13.28 28.75
N LYS C 352 -35.81 12.73 29.96
CA LYS C 352 -36.94 12.64 30.89
C LYS C 352 -37.43 14.02 31.28
N ARG C 353 -36.51 14.94 31.57
CA ARG C 353 -36.90 16.31 31.89
C ARG C 353 -37.66 16.97 30.76
N ASN C 354 -37.39 16.57 29.51
CA ASN C 354 -38.10 17.13 28.36
C ASN C 354 -39.30 16.29 27.93
N ASN C 355 -39.75 15.40 28.83
CA ASN C 355 -41.04 14.72 28.75
CA ASN C 355 -41.05 14.74 28.75
C ASN C 355 -41.10 13.66 27.67
N PHE C 356 -39.95 13.09 27.33
CA PHE C 356 -39.94 11.97 26.39
C PHE C 356 -40.32 10.68 27.11
N ASP C 357 -40.96 9.78 26.36
CA ASP C 357 -41.40 8.50 26.90
C ASP C 357 -40.32 7.45 26.90
N VAL C 358 -39.34 7.58 26.00
CA VAL C 358 -38.36 6.53 25.75
C VAL C 358 -37.15 7.18 25.11
N PHE C 359 -35.98 6.61 25.37
CA PHE C 359 -34.71 7.09 24.81
C PHE C 359 -34.16 5.97 23.96
N ASN C 360 -34.00 6.24 22.67
CA ASN C 360 -33.64 5.23 21.68
C ASN C 360 -32.21 5.45 21.21
N ALA C 361 -31.44 4.37 21.08
CA ALA C 361 -30.06 4.52 20.63
C ALA C 361 -29.64 3.29 19.81
N LEU C 362 -28.74 3.54 18.86
CA LEU C 362 -28.10 2.49 18.07
C LEU C 362 -26.79 2.05 18.71
N GLU C 363 -26.35 0.83 18.40
CA GLU C 363 -25.06 0.36 18.89
C GLU C 363 -23.91 0.93 18.06
N VAL C 364 -23.90 2.25 17.86
CA VAL C 364 -22.83 2.94 17.15
C VAL C 364 -21.98 3.70 18.16
N MET C 365 -20.80 4.15 17.70
CA MET C 365 -19.85 4.91 18.53
C MET C 365 -19.62 4.13 19.82
N GLN C 366 -19.73 4.75 21.00
CA GLN C 366 -19.48 4.07 22.27
C GLN C 366 -20.74 3.50 22.90
N ASN C 367 -21.88 3.55 22.20
CA ASN C 367 -23.16 3.34 22.88
C ASN C 367 -23.29 1.94 23.47
N LYS C 368 -22.80 0.92 22.77
CA LYS C 368 -23.09 -0.44 23.25
C LYS C 368 -22.52 -0.68 24.64
N SER C 369 -21.43 0.00 24.99
CA SER C 369 -20.78 -0.21 26.28
C SER C 369 -21.65 0.21 27.47
N VAL C 370 -22.72 0.98 27.27
CA VAL C 370 -23.53 1.46 28.38
C VAL C 370 -24.90 0.81 28.44
N PHE C 371 -25.30 0.02 27.45
CA PHE C 371 -26.69 -0.42 27.38
C PHE C 371 -27.05 -1.31 28.56
N GLU C 372 -26.16 -2.24 28.95
CA GLU C 372 -26.48 -3.14 30.05
C GLU C 372 -26.64 -2.36 31.36
N ASP C 373 -25.67 -1.51 31.68
CA ASP C 373 -25.66 -0.84 32.98
C ASP C 373 -26.78 0.19 33.08
N LEU C 374 -27.17 0.80 31.96
CA LEU C 374 -28.22 1.82 31.99
C LEU C 374 -29.59 1.26 31.69
N LYS C 375 -29.76 -0.07 31.70
CA LYS C 375 -31.06 -0.72 31.67
C LYS C 375 -31.78 -0.52 30.33
N PHE C 376 -31.01 -0.43 29.24
CA PHE C 376 -31.59 -0.50 27.90
C PHE C 376 -32.05 -1.93 27.61
N GLY C 377 -33.08 -2.05 26.76
CA GLY C 377 -33.51 -3.33 26.21
C GLY C 377 -33.24 -3.36 24.72
N GLU C 378 -32.81 -4.52 24.23
CA GLU C 378 -32.54 -4.68 22.79
C GLU C 378 -33.84 -4.65 22.00
N GLY C 379 -33.88 -3.88 20.92
CA GLY C 379 -35.01 -3.89 20.03
C GLY C 379 -35.12 -5.20 19.27
N ASP C 380 -36.01 -5.24 18.29
CA ASP C 380 -36.26 -6.47 17.55
CA ASP C 380 -36.29 -6.46 17.54
C ASP C 380 -35.75 -6.44 16.12
N GLU C 381 -35.06 -5.38 15.71
CA GLU C 381 -34.42 -5.35 14.40
C GLU C 381 -33.31 -4.31 14.39
N SER C 382 -32.78 -4.05 13.20
CA SER C 382 -31.56 -3.30 13.07
C SER C 382 -31.65 -2.34 11.90
N LEU C 383 -30.79 -1.33 11.94
CA LEU C 383 -30.66 -0.34 10.89
C LEU C 383 -29.35 -0.62 10.15
N LYS C 384 -29.45 -0.80 8.84
CA LYS C 384 -28.29 -1.08 8.02
C LYS C 384 -27.76 0.21 7.42
N TYR C 385 -26.43 0.35 7.40
CA TYR C 385 -25.75 1.47 6.76
C TYR C 385 -25.24 1.02 5.40
N TYR C 386 -25.45 1.86 4.39
CA TYR C 386 -25.07 1.57 3.02
C TYR C 386 -24.32 2.73 2.37
N LEU C 387 -23.45 2.38 1.43
CA LEU C 387 -22.86 3.34 0.51
C LEU C 387 -23.21 2.96 -0.92
N TYR C 388 -23.40 3.98 -1.75
CA TYR C 388 -23.66 3.84 -3.18
C TYR C 388 -22.39 4.15 -3.96
N ASN C 389 -21.99 3.24 -4.85
CA ASN C 389 -20.81 3.38 -5.70
C ASN C 389 -19.53 3.48 -4.86
N TRP C 390 -19.43 2.61 -3.87
CA TRP C 390 -18.24 2.58 -3.04
C TRP C 390 -17.99 1.16 -2.57
N LYS C 391 -16.75 0.70 -2.76
CA LYS C 391 -16.29 -0.63 -2.39
CA LYS C 391 -16.38 -0.62 -2.29
C LYS C 391 -15.33 -0.50 -1.22
N CYS C 392 -15.59 -1.21 -0.12
CA CYS C 392 -14.70 -1.20 1.02
C CYS C 392 -15.10 -2.34 1.95
N ALA C 393 -14.21 -2.65 2.89
CA ALA C 393 -14.52 -3.63 3.92
C ALA C 393 -15.66 -3.15 4.81
N SER C 394 -16.54 -4.07 5.17
CA SER C 394 -17.56 -3.78 6.17
C SER C 394 -16.94 -3.76 7.57
N PHE C 395 -17.72 -3.25 8.54
CA PHE C 395 -17.17 -3.14 9.89
C PHE C 395 -18.27 -3.22 10.93
N ALA C 396 -17.87 -3.57 12.15
CA ALA C 396 -18.77 -3.56 13.29
C ALA C 396 -19.29 -2.16 13.55
N PRO C 397 -20.51 -2.04 14.10
CA PRO C 397 -21.12 -0.72 14.24
C PRO C 397 -20.45 0.18 15.27
N ALA C 398 -19.63 -0.37 16.18
CA ALA C 398 -18.85 0.50 17.05
C ALA C 398 -17.95 1.44 16.25
N HIS C 399 -17.60 1.09 15.01
CA HIS C 399 -16.80 1.93 14.13
C HIS C 399 -17.61 2.90 13.29
N VAL C 400 -18.93 2.89 13.43
CA VAL C 400 -19.81 3.85 12.76
C VAL C 400 -19.88 5.11 13.60
N GLY C 401 -19.65 6.26 12.98
CA GLY C 401 -19.67 7.52 13.69
C GLY C 401 -20.61 8.52 13.08
N ILE C 402 -21.73 8.04 12.51
CA ILE C 402 -22.72 8.92 11.92
C ILE C 402 -24.12 8.39 12.21
N VAL C 403 -25.05 9.30 12.46
CA VAL C 403 -26.46 9.00 12.70
C VAL C 403 -27.28 9.75 11.66
N LEU C 404 -28.07 9.02 10.88
CA LEU C 404 -28.99 9.63 9.92
C LEU C 404 -30.35 9.76 10.56
N LEU C 405 -31.08 10.81 10.20
CA LEU C 405 -32.33 11.12 10.87
C LEU C 405 -33.46 10.12 10.56
C YNC D . 14.56 -28.21 -17.07
N YNC D . 14.88 -28.30 -15.78
O YNC D . 17.33 -27.03 -22.48
P YNC D . 16.82 -27.39 -25.71
S YNC D . 13.14 -27.97 -12.11
C1 YNC D . 13.03 -27.60 -18.69
N1 YNC D . 13.35 -27.73 -17.39
O1 YNC D . 16.20 -28.35 -24.59
P1 YNC D . 17.39 -34.08 -22.42
C2 YNC D . 14.95 -28.37 -19.41
N2 YNC D . 13.76 -27.88 -19.76
O2 YNC D . 15.69 -26.59 -26.30
P2 YNC D . 18.44 -34.25 -19.71
C3 YNC D . 15.42 -28.57 -18.13
N3 YNC D . 16.69 -29.13 -18.16
O3 YNC D . 17.82 -26.46 -25.00
C4 YNC D . 16.95 -29.26 -19.43
N4 YNC D . 15.94 -28.82 -20.25
O4 YNC D . 17.54 -28.29 -26.68
C5 YNC D . 15.90 -28.85 -21.71
N5 YNC D . 18.27 -33.35 -13.85
O5 YNC D . 16.59 -32.75 -22.87
C6 YNC D . 17.22 -28.45 -22.36
N6 YNC D . 15.22 -31.40 -12.40
O6 YNC D . 16.36 -35.10 -22.05
C7 YNC D . 17.05 -29.12 -23.72
O7 YNC D . 18.10 -33.55 -21.10
C8 YNC D . 16.34 -30.42 -23.38
O8 YNC D . 19.51 -33.47 -19.05
C9 YNC D . 17.30 -31.56 -23.20
O9 YNC D . 17.03 -34.08 -18.94
C10 YNC D . 16.75 -32.87 -18.21
O10 YNC D . 11.27 -29.80 -12.27
C11 YNC D . 16.47 -33.22 -16.76
O11 YNC D . 17.35 -30.70 -12.36
C12 YNC D . 16.19 -31.92 -15.99
O12 YNC D . 16.79 -35.03 -14.20
C13 YNC D . 15.26 -34.15 -16.68
O13 YNC D . 18.87 -33.19 -16.39
C14 YNC D . 17.70 -33.94 -16.13
O14 YNC D . 18.67 -35.74 -19.95
C15 YNC D . 17.54 -34.16 -14.64
O15 YNC D . 18.42 -34.43 -23.44
C16 YNC D . 18.25 -33.46 -12.40
O16 YNC D . 15.65 -30.18 -22.13
C17 YNC D . 16.93 -33.00 -11.80
C18 YNC D . 16.53 -31.60 -12.23
C19 YNC D . 14.65 -30.09 -12.66
C20 YNC D . 14.01 -29.43 -11.45
C21 YNC D . 11.59 -28.69 -12.59
C22 YNC D . 10.68 -27.74 -13.32
C23 YNC D . 10.69 -28.37 -14.72
C24 YNC D . 9.89 -27.59 -15.76
C25 YNC D . 9.77 -28.28 -17.12
C26 YNC D . 9.09 -27.44 -18.20
C27 YNC D . 7.57 -27.28 -18.00
C28 YNC D . 6.91 -26.38 -19.06
C29 YNC D . 5.39 -26.28 -18.92
C30 YNC D . 4.66 -27.56 -19.35
C31 YNC D . 3.15 -27.50 -19.14
C32 YNC D . 2.44 -26.46 -20.02
C33 YNC D . 0.93 -26.45 -19.82
C34 YNC D . 0.22 -25.33 -20.59
C10 JCY E . 17.89 -24.75 -7.34
C11 JCY E . 17.88 -24.08 -6.15
C12 JCY E . 16.85 -24.22 -5.19
C13 JCY E . 15.78 -25.05 -5.46
C20 JCY E . 17.93 -22.51 -1.99
C21 JCY E . 17.96 -23.32 -3.10
C23 JCY E . 20.12 -24.14 -2.39
C14 JCY E . 15.78 -25.75 -6.66
C15 JCY E . 16.88 -23.41 -3.96
C16 JCY E . 15.75 -22.65 -3.68
C17 JCY E . 15.69 -21.84 -2.57
C18 JCY E . 16.78 -21.77 -1.75
C01 JCY E . 12.42 -25.08 -6.64
C03 JCY E . 11.99 -26.66 -8.44
C04 JCY E . 13.60 -27.19 -6.64
C05 JCY E . 14.87 -26.70 -7.27
C08 JCY E . 17.26 -26.64 -9.86
C09 JCY E . 16.83 -25.60 -7.58
C24 JCY E . 21.30 -24.91 -2.98
C25 JCY E . 21.18 -26.40 -2.88
C26 JCY E . 20.89 -27.26 -3.91
C27 JCY E . 20.62 -26.98 -5.37
C29 JCY E . 20.64 -29.78 -4.03
C31 JCY E . 21.32 -27.22 -1.72
C32 JCY E . 21.63 -26.83 -0.30
F19 JCY E . 16.72 -20.96 -0.66
N02 JCY E . 12.37 -26.49 -7.04
N06 JCY E . 15.32 -27.08 -8.42
N07 JCY E . 16.53 -26.41 -8.63
N28 JCY E . 20.88 -28.49 -3.39
N30 JCY E . 21.15 -28.47 -2.04
O22 JCY E . 19.07 -24.07 -3.39
S SO4 F . -7.68 -25.73 19.50
O1 SO4 F . -8.13 -25.36 18.16
O2 SO4 F . -7.14 -24.56 20.19
O3 SO4 F . -6.64 -26.76 19.40
O4 SO4 F . -8.81 -26.27 20.25
CL CL G . 10.36 -17.56 23.69
S SO4 H . 23.33 -6.70 -4.92
O1 SO4 H . 23.61 -6.91 -6.34
O2 SO4 H . 24.30 -5.75 -4.39
O3 SO4 H . 23.48 -7.96 -4.20
O4 SO4 H . 21.98 -6.20 -4.77
C YNC I . 26.25 16.16 7.32
N YNC I . 26.60 16.09 6.03
O YNC I . 27.98 13.76 12.73
P YNC I . 27.71 14.35 15.97
S YNC I . 24.92 16.67 2.34
C1 YNC I . 24.60 16.42 8.92
N1 YNC I . 24.95 16.37 7.63
O1 YNC I . 27.67 15.48 14.84
P1 YNC I . 31.62 19.75 12.73
C2 YNC I . 26.65 16.11 9.67
N2 YNC I . 25.37 16.28 10.00
O2 YNC I . 26.33 14.27 16.56
P2 YNC I . 32.60 19.38 10.00
C3 YNC I . 27.16 16.03 8.38
N3 YNC I . 28.54 15.84 8.42
O3 YNC I . 28.10 13.06 15.24
C4 YNC I . 28.82 15.81 9.70
N4 YNC I . 27.73 15.98 10.51
O4 YNC I . 28.78 14.73 16.96
C5 YNC I . 27.70 16.02 11.96
N5 YNC I . 32.11 18.70 4.13
O5 YNC I . 30.27 19.07 13.18
C6 YNC I . 28.62 15.02 12.63
N6 YNC I . 28.46 18.53 2.63
O6 YNC I . 31.29 21.16 12.32
C7 YNC I . 28.80 15.70 13.99
O7 YNC I . 32.02 18.94 11.42
C8 YNC I . 28.86 17.18 13.63
O8 YNC I . 33.11 18.15 9.34
C9 YNC I . 30.27 17.66 13.45
O9 YNC I . 31.32 19.92 9.23
C10 YNC I . 30.49 19.03 8.47
O10 YNC I . 24.29 19.20 2.46
C11 YNC I . 30.43 19.49 7.03
O11 YNC I . 29.97 16.88 2.66
C12 YNC I . 29.53 18.54 6.23
O12 YNC I . 31.66 20.90 4.47
C13 YNC I . 29.84 20.90 7.00
O13 YNC I . 32.53 18.30 6.67
C14 YNC I . 31.85 19.51 6.40
O14 YNC I . 33.54 20.54 10.16
C15 YNC I . 31.86 19.77 4.91
O15 YNC I . 32.71 19.53 13.71
C16 YNC I . 32.12 18.77 2.67
O16 YNC I . 28.14 17.31 12.38
C17 YNC I . 30.75 19.06 2.09
C18 YNC I . 29.69 18.05 2.50
C19 YNC I . 27.30 17.69 2.88
C20 YNC I . 26.42 17.45 1.66
C21 YNC I . 23.99 18.10 2.81
C22 YNC I . 22.73 17.76 3.55
C23 YNC I . 22.98 18.33 4.95
C24 YNC I . 21.90 17.98 5.98
C25 YNC I . 22.11 18.68 7.33
C26 YNC I . 21.11 18.28 8.40
C27 YNC I . 19.72 18.88 8.19
C28 YNC I . 18.72 18.46 9.26
C29 YNC I . 17.36 19.12 9.09
C30 YNC I . 17.36 20.59 9.48
C31 YNC I . 16.03 21.31 9.29
C32 YNC I . 14.90 20.80 10.20
C33 YNC I . 13.61 21.60 10.03
C34 YNC I . 12.44 21.03 10.80
C10 JCY J . 27.43 11.57 -2.42
C11 JCY J . 27.10 10.98 -3.61
C12 JCY J . 26.28 11.63 -4.58
C13 JCY J . 25.76 12.87 -4.31
C20 JCY J . 26.32 9.60 -7.79
C21 JCY J . 26.79 10.27 -6.68
C23 JCY J . 29.07 9.85 -7.43
C14 JCY J . 26.09 13.49 -3.12
C15 JCY J . 25.91 10.90 -5.82
C16 JCY J . 24.54 10.80 -6.10
C17 JCY J . 24.05 10.13 -7.21
C18 JCY J . 24.97 9.51 -8.03
C01 JCY J . 22.80 14.59 -3.23
C03 JCY J . 23.32 16.05 -1.29
C04 JCY J . 24.90 15.81 -3.16
C05 JCY J . 25.76 14.76 -2.52
C08 JCY J . 27.79 13.49 0.09
C09 JCY J . 26.91 12.85 -2.18
C24 JCY J . 30.49 9.94 -6.86
C25 JCY J . 31.11 11.31 -6.94
C26 JCY J . 31.31 12.19 -5.90
C27 JCY J . 30.95 12.10 -4.44
C29 JCY J . 32.32 14.49 -5.68
C31 JCY J . 31.65 11.98 -8.08
C32 JCY J . 31.73 11.48 -9.50
F19 JCY J . 24.53 8.83 -9.12
N02 JCY J . 23.51 15.79 -2.73
N06 JCY J . 26.33 14.87 -1.35
N07 JCY J . 27.03 13.69 -1.13
N28 JCY J . 31.91 13.28 -6.39
N30 JCY J . 32.12 13.15 -7.75
O22 JCY J . 28.13 10.34 -6.41
C1 EDO K . 13.10 17.50 -6.98
C1 EDO K . 13.22 16.93 -5.74
O1 EDO K . 13.41 16.11 -6.78
O1 EDO K . 13.58 16.00 -6.78
C2 EDO K . 13.63 18.34 -5.83
C2 EDO K . 14.03 18.22 -5.89
O2 EDO K . 12.72 18.30 -4.72
O2 EDO K . 15.35 18.03 -5.36
CL CL L . 17.53 9.01 -33.46
C YNC M . -35.41 0.97 0.58
N YNC M . -35.86 1.41 1.76
O YNC M . -35.32 -4.20 -2.78
P YNC M . -34.93 -5.13 -5.95
S YNC M . -35.02 4.34 4.44
C1 YNC M . -33.83 1.10 -1.11
N1 YNC M . -34.27 1.52 0.08
O1 YNC M . -35.52 -3.72 -5.51
P1 YNC M . -41.12 -1.09 -5.30
C2 YNC M . -35.48 -0.32 -1.42
N2 YNC M . -34.35 0.20 -1.93
O2 YNC M . -33.55 -4.90 -6.52
P2 YNC M . -42.17 -0.47 -2.65
C3 YNC M . -36.05 0.00 -0.20
N3 YNC M . -37.22 -0.73 -0.01
O3 YNC M . -34.81 -5.91 -4.63
C4 YNC M . -37.31 -1.46 -1.10
N4 YNC M . -36.29 -1.27 -1.99
O4 YNC M . -35.92 -5.79 -6.88
C5 YNC M . -36.10 -1.93 -3.28
N5 YNC M . -42.13 2.12 2.73
O5 YNC M . -39.55 -1.28 -5.44
C6 YNC M . -36.43 -3.42 -3.24
N6 YNC M . -38.96 4.21 3.68
O6 YNC M . -41.38 0.37 -5.64
C7 YNC M . -36.72 -3.65 -4.72
O7 YNC M . -41.30 -1.25 -3.73
C8 YNC M . -37.44 -2.38 -5.13
O8 YNC M . -42.19 -1.33 -1.42
C9 YNC M . -38.94 -2.52 -5.05
O9 YNC M . -41.34 0.87 -2.36
C10 YNC M . -40.29 0.91 -1.37
O10 YNC M . -35.47 6.52 3.06
C11 YNC M . -40.60 1.99 -0.34
O11 YNC M . -39.64 2.28 4.64
C12 YNC M . -39.47 1.99 0.71
O12 YNC M . -42.65 3.78 1.29
C13 YNC M . -40.65 3.34 -1.05
O13 YNC M . -42.01 0.35 0.81
C14 YNC M . -41.96 1.70 0.35
O14 YNC M . -43.45 -0.12 -3.28
C15 YNC M . -42.27 2.63 1.50
O15 YNC M . -41.86 -2.15 -6.01
C16 YNC M . -42.36 2.89 3.94
O16 YNC M . -37.01 -1.36 -4.21
C17 YNC M . -41.29 3.95 4.15
C18 YNC M . -39.89 3.40 4.16
C19 YNC M . -37.53 3.92 3.72
C20 YNC M . -36.77 4.67 4.81
C21 YNC M . -34.70 5.61 3.27
C22 YNC M . -33.33 5.53 2.65
C23 YNC M . -33.65 5.16 1.18
C24 YNC M . -32.42 4.96 0.30
C25 YNC M . -32.76 4.60 -1.16
C26 YNC M . -31.53 4.24 -2.01
C27 YNC M . -30.61 5.44 -2.31
C28 YNC M . -29.37 5.05 -3.14
C29 YNC M . -28.46 6.23 -3.49
C30 YNC M . -29.07 7.19 -4.53
C31 YNC M . -28.19 8.39 -4.86
C32 YNC M . -26.86 8.03 -5.51
C33 YNC M . -26.02 9.25 -5.89
C34 YNC M . -24.62 8.87 -6.39
C10 JCY N . -35.68 1.71 11.44
C11 JCY N . -35.24 2.01 12.71
C12 JCY N . -34.88 3.32 13.11
C13 JCY N . -34.91 4.35 12.19
C20 JCY N . -34.41 3.18 16.87
C21 JCY N . -34.99 3.01 15.62
C23 JCY N . -36.99 2.05 16.66
C14 JCY N . -35.36 4.05 10.90
C15 JCY N . -34.36 3.49 14.48
C16 JCY N . -33.12 4.11 14.64
C17 JCY N . -32.54 4.29 15.87
C18 JCY N . -33.20 3.82 16.97
C01 JCY N . -32.89 6.32 10.06
C03 JCY N . -33.73 6.34 7.78
C04 JCY N . -35.29 6.34 9.65
C05 JCY N . -35.56 4.86 9.71
C08 JCY N . -36.58 1.74 8.39
C09 JCY N . -35.73 2.77 10.54
C24 JCY N . -38.27 1.30 16.28
C25 JCY N . -39.42 2.12 15.77
C26 JCY N . -39.85 2.21 14.46
C27 JCY N . -39.34 1.58 13.20
C29 JCY N . -41.72 3.48 13.33
C31 JCY N . -40.30 2.97 16.50
C32 JCY N . -40.35 3.27 17.98
F19 JCY N . -32.62 3.97 18.19
N02 JCY N . -33.97 6.76 9.17
N06 JCY N . -36.00 4.12 8.74
N07 JCY N . -36.11 2.82 9.23
N28 JCY N . -40.91 3.05 14.46
N30 JCY N . -41.18 3.53 15.72
O22 JCY N . -36.22 2.39 15.48
C1 EDO O . -26.38 14.27 9.41
C1 EDO O . -26.22 14.25 9.45
O1 EDO O . -27.60 14.42 10.15
O1 EDO O . -25.50 14.06 8.22
C2 EDO O . -25.21 14.09 10.37
C2 EDO O . -25.24 14.06 10.60
O2 EDO O . -25.54 13.13 11.37
O2 EDO O . -25.70 13.02 11.47
CL CL P . -29.19 18.68 38.53
#